data_7POP
#
_entry.id   7POP
#
_cell.length_a   142.357
_cell.length_b   64.389
_cell.length_c   116.571
_cell.angle_alpha   90.000
_cell.angle_beta   102.250
_cell.angle_gamma   90.000
#
_symmetry.space_group_name_H-M   'C 1 2 1'
#
loop_
_entity.id
_entity.type
_entity.pdbx_description
1 polymer 'Phosphatidylinositol 4,5-bisphosphate 3-kinase catalytic subunit delta isoform'
2 non-polymer 5-[3,6-dihydro-2H-pyran-4-yl]-2-methoxy-N-[2-methylpyridin-4-yl]pyridine-3-sulfonamide
3 water water
#
_entity_poly.entity_id   1
_entity_poly.type   'polypeptide(L)'
_entity_poly.pdbx_seq_one_letter_code
;GGDRVKKLINSQISLLIGKGLHEFDSLRDPEVNDFRTKMRQFCEEAAAHRQQLGWVEWLQYSFPLQLEPSARGWRAGLLR
VSNRALLVNVKFEGSEESFTFQVSTKDMPLALMACALRKKATVFRQPLVEQPEEYALQVNGRHEYLYGNYPLCHFQYICS
CLHSGLTPHLTMVHSSSILAMRDEQSNPAPQVQKPRAKPPPIPAKKPSSVSLWSLEQPFSIELIEGRKVNADERMKLVVQ
AGLFHGNEMLCKTVSSSEVNVCSEPVWKQRLEFDISVCDLPRMARLCFALYAVVEKAKKARSTKKKSKKADCPIAWANLM
LFDYKDQLKTGERCLYMWPSVPDEKGELLNPAGTVRGNPNTESAAALVIYLPEVAPHPVYFPALEKILELGRHGERGRIT
EEEQLQLREILERRGSGELYEHEKDLVWKMRHEVQEHFPEALARLLLVTKWNKHEDVAQMLYLLCSWPELPVLSALELLD
FSFPDCYVGSFAIKSLRKLTDDELFQYLLQLVQVLKYESYLDCELTKFLLGRALANRKIGHFLFWHLRSEMHVPSVALRF
GLIMEAYCRGSTHHMKVLMKQGEALSKLKALNDFVKVSSQKTTKPQTKEMMHMCMRQETYMEALSHLQSPLDPSTLLEEV
CVEQCTFMDSKMKPLWIMYSSEEAGSAGNVGIIFKNGDDLRQDMLTLQMIQLMDVLWKQEGLDLRMTPYGCLPTGDRTGL
IEVVLHSDTIANIQLNKSNMAATAAFNKDALLNWLKSKNPGEALDRAIEEFTLSCAGYCVATYVLGIGDRHSDNIMIRES
GQLFHIDFGHFLGNFKTKFGINRERVPFILTYDFVHVIQQGKTNNSEKFERFRGYCERAYTILRRHGLLFLHLFALMRAA
GLPELSCSKDIQYLKDSLALGKTEEEALKHFRVKFNEALRESWKTKVNWLAHNVSKDNRQ
;
_entity_poly.pdbx_strand_id   A
#
loop_
_chem_comp.id
_chem_comp.type
_chem_comp.name
_chem_comp.formula
7VT non-polymer 5-[3,6-dihydro-2H-pyran-4-yl]-2-methoxy-N-[2-methylpyridin-4-yl]pyridine-3-sulfonamide 'C17 H19 N3 O4 S'
#
# COMPACT_ATOMS: atom_id res chain seq x y z
N ASP A 3 -21.78 12.56 -27.77
CA ASP A 3 -22.45 11.30 -28.06
C ASP A 3 -21.51 10.33 -28.81
N ARG A 4 -20.86 10.83 -29.88
CA ARG A 4 -19.95 10.03 -30.70
C ARG A 4 -18.71 9.60 -29.90
N VAL A 5 -18.20 10.52 -29.07
CA VAL A 5 -17.00 10.26 -28.26
C VAL A 5 -17.32 9.70 -26.88
N LYS A 6 -18.49 10.06 -26.33
CA LYS A 6 -18.94 9.60 -25.02
C LYS A 6 -19.21 8.09 -25.02
N LYS A 7 -19.73 7.56 -26.15
CA LYS A 7 -19.98 6.11 -26.29
C LYS A 7 -18.67 5.33 -26.43
N LEU A 8 -17.63 5.94 -27.03
CA LEU A 8 -16.33 5.29 -27.18
C LEU A 8 -15.61 5.33 -25.84
N ILE A 9 -15.61 6.48 -25.17
CA ILE A 9 -14.99 6.62 -23.85
C ILE A 9 -15.58 5.64 -22.84
N ASN A 10 -16.92 5.41 -22.90
CA ASN A 10 -17.62 4.47 -22.03
C ASN A 10 -17.17 3.04 -22.30
N SER A 11 -16.91 2.67 -23.55
CA SER A 11 -16.45 1.30 -23.86
C SER A 11 -14.95 1.12 -23.51
N GLN A 12 -14.18 2.22 -23.53
CA GLN A 12 -12.79 2.22 -23.17
C GLN A 12 -12.69 2.03 -21.65
N ILE A 13 -13.51 2.77 -20.88
CA ILE A 13 -13.57 2.66 -19.41
C ILE A 13 -13.94 1.21 -19.04
N SER A 14 -14.98 0.65 -19.64
CA SER A 14 -15.42 -0.71 -19.37
C SER A 14 -14.35 -1.78 -19.56
N LEU A 15 -13.54 -1.66 -20.62
CA LEU A 15 -12.44 -2.59 -20.93
C LEU A 15 -11.30 -2.43 -19.93
N LEU A 16 -10.99 -1.18 -19.59
CA LEU A 16 -9.94 -0.87 -18.66
C LEU A 16 -10.20 -1.49 -17.27
N ILE A 17 -11.43 -1.37 -16.77
CA ILE A 17 -11.76 -1.89 -15.44
C ILE A 17 -12.27 -3.36 -15.46
N GLY A 18 -12.39 -3.96 -16.64
CA GLY A 18 -12.82 -5.36 -16.79
C GLY A 18 -14.22 -5.66 -16.30
N LYS A 19 -15.11 -4.65 -16.34
CA LYS A 19 -16.50 -4.74 -15.93
C LYS A 19 -17.26 -3.68 -16.71
N GLY A 20 -18.33 -4.08 -17.43
CA GLY A 20 -19.14 -3.16 -18.23
C GLY A 20 -19.93 -2.18 -17.39
N LEU A 21 -19.99 -0.90 -17.81
CA LEU A 21 -20.69 0.15 -17.05
C LEU A 21 -22.21 -0.06 -16.97
N HIS A 22 -22.76 -0.87 -17.90
CA HIS A 22 -24.16 -1.25 -17.98
C HIS A 22 -24.59 -2.08 -16.77
N GLU A 23 -23.65 -2.84 -16.16
CA GLU A 23 -23.92 -3.65 -14.97
C GLU A 23 -24.24 -2.78 -13.75
N PHE A 24 -23.65 -1.56 -13.70
CA PHE A 24 -23.89 -0.62 -12.61
C PHE A 24 -25.33 -0.09 -12.67
N ASP A 25 -25.81 0.17 -13.89
CA ASP A 25 -27.16 0.67 -14.10
C ASP A 25 -28.21 -0.43 -13.95
N SER A 26 -27.85 -1.67 -14.33
CA SER A 26 -28.71 -2.85 -14.19
C SER A 26 -29.10 -3.13 -12.72
N LEU A 27 -28.32 -2.60 -11.77
CA LEU A 27 -28.61 -2.73 -10.35
C LEU A 27 -29.81 -1.88 -9.92
N ARG A 28 -30.09 -0.77 -10.65
CA ARG A 28 -31.12 0.22 -10.35
C ARG A 28 -30.96 0.74 -8.90
N ASP A 29 -29.72 0.83 -8.43
CA ASP A 29 -29.34 1.23 -7.08
C ASP A 29 -29.22 2.75 -6.97
N PRO A 30 -29.93 3.40 -6.04
CA PRO A 30 -29.85 4.86 -5.93
C PRO A 30 -28.49 5.29 -5.39
N GLU A 31 -27.93 4.57 -4.39
CA GLU A 31 -26.63 4.89 -3.82
C GLU A 31 -25.53 4.87 -4.91
N VAL A 32 -25.57 3.85 -5.78
CA VAL A 32 -24.64 3.70 -6.89
C VAL A 32 -24.80 4.87 -7.86
N ASN A 33 -26.03 5.18 -8.24
CA ASN A 33 -26.33 6.24 -9.19
C ASN A 33 -25.90 7.61 -8.72
N ASP A 34 -26.21 7.94 -7.47
CA ASP A 34 -25.83 9.25 -6.92
C ASP A 34 -24.30 9.38 -6.83
N PHE A 35 -23.59 8.28 -6.55
CA PHE A 35 -22.12 8.28 -6.50
C PHE A 35 -21.58 8.56 -7.88
N ARG A 36 -22.14 7.91 -8.91
CA ARG A 36 -21.70 8.11 -10.28
C ARG A 36 -21.94 9.55 -10.76
N THR A 37 -23.01 10.21 -10.31
CA THR A 37 -23.30 11.57 -10.77
C THR A 37 -22.37 12.59 -10.08
N LYS A 38 -22.30 12.49 -8.74
CA LYS A 38 -21.52 13.34 -7.86
C LYS A 38 -20.03 13.18 -8.10
N MET A 39 -19.54 11.94 -8.26
CA MET A 39 -18.12 11.71 -8.46
C MET A 39 -17.64 12.10 -9.84
N ARG A 40 -18.51 12.05 -10.85
CA ARG A 40 -18.17 12.52 -12.19
C ARG A 40 -18.09 14.07 -12.20
N GLN A 41 -18.88 14.74 -11.34
CA GLN A 41 -18.89 16.20 -11.23
C GLN A 41 -17.57 16.64 -10.65
N PHE A 42 -17.17 16.01 -9.54
CA PHE A 42 -15.94 16.29 -8.84
C PHE A 42 -14.72 16.05 -9.72
N CYS A 43 -14.72 14.97 -10.50
CA CYS A 43 -13.58 14.63 -11.32
C CYS A 43 -13.43 15.50 -12.58
N GLU A 44 -14.52 15.89 -13.22
CA GLU A 44 -14.47 16.79 -14.38
C GLU A 44 -13.98 18.20 -13.95
N GLU A 45 -14.37 18.66 -12.73
CA GLU A 45 -13.94 19.93 -12.15
C GLU A 45 -12.40 19.95 -12.05
N ALA A 46 -11.82 18.83 -11.58
CA ALA A 46 -10.40 18.61 -11.44
C ALA A 46 -9.73 18.61 -12.80
N ALA A 47 -10.30 17.90 -13.80
CA ALA A 47 -9.73 17.89 -15.16
C ALA A 47 -9.64 19.30 -15.74
N ALA A 48 -10.65 20.15 -15.52
CA ALA A 48 -10.66 21.52 -16.01
C ALA A 48 -9.61 22.36 -15.30
N HIS A 49 -9.48 22.20 -13.97
CA HIS A 49 -8.48 22.91 -13.16
C HIS A 49 -7.09 22.62 -13.68
N ARG A 50 -6.83 21.36 -14.01
CA ARG A 50 -5.59 20.87 -14.56
C ARG A 50 -5.32 21.43 -15.94
N GLN A 51 -6.36 21.55 -16.76
CA GLN A 51 -6.22 22.06 -18.12
C GLN A 51 -5.66 23.47 -18.20
N GLN A 52 -5.86 24.27 -17.14
CA GLN A 52 -5.33 25.62 -17.12
C GLN A 52 -4.06 25.79 -16.34
N LEU A 53 -3.60 24.76 -15.59
CA LEU A 53 -2.38 24.82 -14.76
C LEU A 53 -1.21 25.49 -15.45
N GLY A 54 -0.37 26.17 -14.69
CA GLY A 54 0.85 26.75 -15.25
C GLY A 54 1.79 25.63 -15.69
N TRP A 55 2.81 25.94 -16.50
CA TRP A 55 3.69 24.91 -16.99
C TRP A 55 4.54 24.23 -15.88
N VAL A 56 4.89 24.95 -14.81
CA VAL A 56 5.65 24.37 -13.71
C VAL A 56 4.70 23.57 -12.79
N GLU A 57 3.42 24.00 -12.66
CA GLU A 57 2.42 23.26 -11.89
C GLU A 57 2.00 21.99 -12.65
N TRP A 58 2.01 22.03 -13.97
CA TRP A 58 1.70 20.88 -14.79
C TRP A 58 2.82 19.81 -14.69
N LEU A 59 4.07 20.25 -14.50
CA LEU A 59 5.24 19.40 -14.24
C LEU A 59 5.02 18.75 -12.88
N GLN A 60 4.60 19.51 -11.85
CA GLN A 60 4.26 19.01 -10.51
C GLN A 60 3.13 17.99 -10.53
N TYR A 61 2.27 18.03 -11.54
CA TYR A 61 1.18 17.06 -11.68
C TYR A 61 1.71 15.77 -12.38
N SER A 62 2.35 15.93 -13.54
CA SER A 62 2.76 14.83 -14.39
C SER A 62 4.06 14.16 -14.02
N PHE A 63 5.03 14.97 -13.63
CA PHE A 63 6.35 14.52 -13.28
C PHE A 63 6.66 15.04 -11.87
N PRO A 64 6.01 14.52 -10.80
CA PRO A 64 6.36 14.96 -9.44
C PRO A 64 7.83 14.67 -9.11
N LEU A 65 8.48 15.55 -8.33
CA LEU A 65 9.89 15.42 -7.97
C LEU A 65 10.24 14.18 -7.20
N GLN A 66 11.36 13.52 -7.54
CA GLN A 66 11.80 12.36 -6.79
C GLN A 66 13.02 12.77 -6.03
N LEU A 67 12.81 13.21 -4.81
CA LEU A 67 13.87 13.71 -3.95
C LEU A 67 14.38 12.64 -2.98
N GLU A 68 15.57 12.84 -2.43
CA GLU A 68 16.14 11.98 -1.42
C GLU A 68 15.46 12.25 -0.07
N PRO A 69 15.25 11.21 0.77
CA PRO A 69 14.57 11.42 2.07
C PRO A 69 15.13 12.52 3.00
N SER A 70 16.44 12.75 2.97
CA SER A 70 17.07 13.79 3.81
C SER A 70 16.68 15.23 3.41
N ALA A 71 16.37 15.44 2.11
CA ALA A 71 15.98 16.75 1.57
C ALA A 71 14.57 17.12 2.01
N ARG A 72 13.66 16.12 2.00
CA ARG A 72 12.21 16.19 2.28
C ARG A 72 11.76 16.99 3.53
N GLY A 73 11.07 18.11 3.29
CA GLY A 73 10.60 19.00 4.34
C GLY A 73 11.60 20.10 4.66
N ASN A 83 30.70 21.51 -2.81
CA ASN A 83 31.13 20.37 -1.99
C ASN A 83 31.90 19.35 -2.86
N ARG A 84 31.22 18.68 -3.82
CA ARG A 84 31.90 17.72 -4.69
C ARG A 84 31.72 18.09 -6.17
N ALA A 85 32.64 17.60 -7.02
CA ALA A 85 32.59 17.79 -8.47
C ALA A 85 31.60 16.77 -9.07
N LEU A 86 31.03 17.10 -10.23
CA LEU A 86 30.03 16.25 -10.88
C LEU A 86 29.97 16.51 -12.37
N LEU A 87 30.33 15.51 -13.20
CA LEU A 87 30.24 15.66 -14.65
C LEU A 87 28.81 15.41 -15.11
N VAL A 88 28.25 16.34 -15.87
CA VAL A 88 26.89 16.23 -16.36
C VAL A 88 26.86 16.36 -17.90
N ASN A 89 26.06 15.55 -18.61
CA ASN A 89 25.90 15.68 -20.06
C ASN A 89 24.53 16.26 -20.31
N VAL A 90 24.47 17.36 -21.07
CA VAL A 90 23.20 18.01 -21.36
C VAL A 90 23.02 18.21 -22.86
N LYS A 91 21.86 17.80 -23.39
CA LYS A 91 21.51 18.12 -24.76
C LYS A 91 20.25 19.00 -24.76
N PHE A 92 19.82 19.49 -25.92
CA PHE A 92 18.62 20.31 -26.03
C PHE A 92 17.65 19.54 -26.88
N GLU A 93 16.38 19.56 -26.49
CA GLU A 93 15.33 18.86 -27.21
C GLU A 93 15.29 19.25 -28.71
N GLY A 94 15.44 18.25 -29.58
CA GLY A 94 15.45 18.50 -31.02
C GLY A 94 16.84 18.50 -31.65
N SER A 95 17.86 17.98 -30.91
CA SER A 95 19.23 17.93 -31.40
C SER A 95 20.02 16.80 -30.79
N GLU A 96 20.80 16.11 -31.61
CA GLU A 96 21.63 14.99 -31.16
C GLU A 96 22.96 15.46 -30.51
N GLU A 97 23.38 16.71 -30.78
CA GLU A 97 24.59 17.27 -30.19
C GLU A 97 24.38 17.47 -28.68
N SER A 98 25.40 17.20 -27.88
CA SER A 98 25.31 17.35 -26.44
C SER A 98 26.51 18.13 -25.85
N PHE A 99 26.49 18.44 -24.54
CA PHE A 99 27.56 19.19 -23.90
C PHE A 99 27.88 18.63 -22.55
N THR A 100 29.05 18.00 -22.40
CA THR A 100 29.49 17.52 -21.10
C THR A 100 30.22 18.64 -20.37
N PHE A 101 29.88 18.84 -19.10
CA PHE A 101 30.52 19.87 -18.30
C PHE A 101 30.45 19.57 -16.81
N GLN A 102 31.45 20.05 -16.10
CA GLN A 102 31.56 19.83 -14.68
C GLN A 102 30.72 20.84 -13.92
N VAL A 103 30.05 20.37 -12.86
CA VAL A 103 29.22 21.16 -11.93
C VAL A 103 29.46 20.68 -10.48
N SER A 104 29.00 21.43 -9.50
CA SER A 104 29.10 21.03 -8.09
C SER A 104 27.78 20.40 -7.68
N THR A 105 27.88 19.37 -6.81
CA THR A 105 26.72 18.68 -6.23
C THR A 105 25.75 19.64 -5.51
N LYS A 106 26.21 20.83 -5.11
CA LYS A 106 25.35 21.80 -4.44
C LYS A 106 24.70 22.84 -5.37
N ASP A 107 24.99 22.79 -6.67
CA ASP A 107 24.40 23.74 -7.62
C ASP A 107 22.94 23.39 -7.88
N MET A 108 22.11 24.41 -8.07
CA MET A 108 20.68 24.23 -8.33
C MET A 108 20.45 23.91 -9.82
N PRO A 109 19.29 23.33 -10.23
CA PRO A 109 19.07 23.07 -11.66
C PRO A 109 19.20 24.33 -12.52
N LEU A 110 18.82 25.51 -11.96
CA LEU A 110 18.91 26.79 -12.65
C LEU A 110 20.36 27.11 -13.07
N ALA A 111 21.34 26.83 -12.20
CA ALA A 111 22.73 27.10 -12.53
C ALA A 111 23.19 26.25 -13.69
N LEU A 112 22.78 24.98 -13.72
CA LEU A 112 23.11 24.00 -14.75
C LEU A 112 22.47 24.42 -16.07
N MET A 113 21.22 24.87 -16.03
CA MET A 113 20.49 25.30 -17.22
C MET A 113 21.08 26.56 -17.79
N ALA A 114 21.54 27.49 -16.93
CA ALA A 114 22.18 28.74 -17.37
C ALA A 114 23.53 28.42 -18.04
N CYS A 115 24.27 27.48 -17.46
CA CYS A 115 25.55 27.02 -17.99
C CYS A 115 25.32 26.36 -19.37
N ALA A 116 24.24 25.58 -19.54
CA ALA A 116 23.93 24.93 -20.81
C ALA A 116 23.57 25.96 -21.90
N LEU A 117 22.89 27.04 -21.52
CA LEU A 117 22.51 28.08 -22.45
C LEU A 117 23.70 28.94 -22.90
N ARG A 118 24.70 29.14 -22.03
CA ARG A 118 25.90 29.89 -22.41
C ARG A 118 26.73 29.03 -23.36
N LYS A 119 26.91 27.75 -23.02
CA LYS A 119 27.62 26.82 -23.88
C LYS A 119 26.88 26.52 -25.20
N LYS A 120 25.66 27.04 -25.38
CA LYS A 120 24.88 26.90 -26.61
C LYS A 120 25.10 28.15 -27.46
N ALA A 121 25.08 29.34 -26.82
CA ALA A 121 25.27 30.64 -27.44
C ALA A 121 26.68 30.77 -28.02
N THR A 122 27.69 30.19 -27.34
CA THR A 122 29.06 30.23 -27.85
C THR A 122 29.29 29.32 -29.06
N VAL A 123 28.46 28.28 -29.21
CA VAL A 123 28.60 27.37 -30.33
C VAL A 123 27.76 27.88 -31.50
N PHE A 124 26.53 28.34 -31.22
CA PHE A 124 25.66 28.88 -32.27
C PHE A 124 25.85 30.38 -32.52
N ARG A 125 26.94 30.98 -32.01
CA ARG A 125 27.34 32.37 -32.21
C ARG A 125 26.19 33.38 -32.08
N GLN A 126 25.18 33.08 -31.23
CA GLN A 126 24.01 33.95 -31.12
C GLN A 126 23.63 34.30 -29.69
N PRO A 127 23.60 35.61 -29.36
CA PRO A 127 23.14 36.03 -28.02
C PRO A 127 21.65 35.69 -27.88
N LEU A 128 21.34 34.62 -27.12
CA LEU A 128 20.00 34.06 -26.97
C LEU A 128 18.92 34.94 -26.32
N VAL A 129 17.66 34.68 -26.69
CA VAL A 129 16.45 35.32 -26.15
C VAL A 129 15.93 34.55 -24.91
N GLU A 130 16.12 33.20 -24.90
CA GLU A 130 15.67 32.34 -23.81
C GLU A 130 16.60 32.39 -22.60
N GLN A 131 15.97 32.34 -21.42
CA GLN A 131 16.56 32.40 -20.10
C GLN A 131 16.46 31.06 -19.38
N PRO A 132 17.33 30.77 -18.39
CA PRO A 132 17.23 29.49 -17.67
C PRO A 132 15.87 29.24 -17.00
N GLU A 133 15.17 30.30 -16.61
CA GLU A 133 13.86 30.23 -15.96
C GLU A 133 12.75 29.66 -16.84
N GLU A 134 12.95 29.65 -18.18
CA GLU A 134 12.03 29.13 -19.18
C GLU A 134 12.19 27.63 -19.46
N TYR A 135 13.13 26.96 -18.79
CA TYR A 135 13.41 25.55 -19.07
C TYR A 135 13.26 24.58 -17.88
N ALA A 136 13.00 23.32 -18.20
CA ALA A 136 13.02 22.21 -17.27
C ALA A 136 14.10 21.18 -17.76
N LEU A 137 14.77 20.46 -16.85
CA LEU A 137 15.74 19.43 -17.24
C LEU A 137 15.06 18.05 -17.19
N GLN A 138 14.82 17.41 -18.35
CA GLN A 138 14.27 16.05 -18.35
C GLN A 138 15.40 15.02 -18.23
N VAL A 139 15.20 13.92 -17.48
CA VAL A 139 16.15 12.82 -17.45
C VAL A 139 15.89 12.03 -18.77
N ASN A 140 16.90 11.89 -19.63
CA ASN A 140 16.78 11.20 -20.93
C ASN A 140 16.11 9.83 -20.89
N GLY A 141 15.06 9.70 -21.70
CA GLY A 141 14.28 8.48 -21.83
C GLY A 141 13.45 8.13 -20.62
N ARG A 142 13.15 9.12 -19.79
CA ARG A 142 12.34 8.91 -18.60
C ARG A 142 11.27 9.98 -18.50
N HIS A 143 10.20 9.67 -17.77
CA HIS A 143 9.17 10.66 -17.48
C HIS A 143 9.54 11.25 -16.10
N GLU A 144 10.77 11.76 -16.02
CA GLU A 144 11.39 12.30 -14.84
C GLU A 144 12.04 13.63 -15.21
N TYR A 145 11.82 14.65 -14.35
CA TYR A 145 12.33 16.00 -14.52
C TYR A 145 13.08 16.47 -13.30
N LEU A 146 13.96 17.46 -13.49
CA LEU A 146 14.72 18.09 -12.45
C LEU A 146 14.39 19.54 -12.52
N TYR A 147 13.71 20.04 -11.53
CA TYR A 147 13.30 21.44 -11.46
C TYR A 147 13.23 21.86 -9.95
N GLY A 148 12.89 23.12 -9.68
CA GLY A 148 12.78 23.61 -8.32
C GLY A 148 14.11 24.07 -7.74
N ASN A 149 14.07 24.67 -6.54
CA ASN A 149 15.28 25.16 -5.88
C ASN A 149 15.81 24.13 -4.90
N TYR A 150 16.58 23.17 -5.42
CA TYR A 150 17.23 22.10 -4.69
C TYR A 150 18.57 21.89 -5.32
N PRO A 151 19.63 21.58 -4.55
CA PRO A 151 20.91 21.24 -5.17
C PRO A 151 20.79 19.90 -5.90
N LEU A 152 21.72 19.63 -6.83
CA LEU A 152 21.67 18.41 -7.62
C LEU A 152 21.68 17.11 -6.81
N CYS A 153 22.58 16.98 -5.83
CA CYS A 153 22.68 15.75 -5.03
C CYS A 153 21.35 15.37 -4.30
N HIS A 154 20.44 16.35 -4.07
CA HIS A 154 19.16 16.11 -3.41
C HIS A 154 18.13 15.34 -4.22
N PHE A 155 18.37 15.14 -5.53
CA PHE A 155 17.47 14.43 -6.42
C PHE A 155 17.83 12.96 -6.45
N GLN A 156 16.84 12.07 -6.55
CA GLN A 156 17.03 10.63 -6.62
C GLN A 156 17.83 10.15 -7.83
N TYR A 157 17.81 10.92 -8.93
CA TYR A 157 18.53 10.56 -10.13
C TYR A 157 19.99 10.88 -9.99
N ILE A 158 20.33 12.10 -9.61
CA ILE A 158 21.70 12.55 -9.44
C ILE A 158 22.35 11.74 -8.36
N CYS A 159 21.64 11.52 -7.23
CA CYS A 159 22.15 10.71 -6.13
C CYS A 159 22.50 9.28 -6.57
N SER A 160 21.62 8.63 -7.36
CA SER A 160 21.91 7.29 -7.86
C SER A 160 23.12 7.29 -8.83
N CYS A 161 23.29 8.38 -9.59
CA CYS A 161 24.37 8.50 -10.54
C CYS A 161 25.73 8.61 -9.84
N LEU A 162 25.79 9.31 -8.68
CA LEU A 162 27.04 9.40 -7.92
C LEU A 162 27.47 8.05 -7.36
N HIS A 163 26.53 7.25 -6.80
CA HIS A 163 26.85 5.93 -6.26
C HIS A 163 27.30 5.03 -7.37
N SER A 164 26.50 4.91 -8.44
CA SER A 164 26.82 4.06 -9.59
C SER A 164 27.97 4.57 -10.50
N GLY A 165 28.56 5.72 -10.15
CA GLY A 165 29.63 6.34 -10.92
C GLY A 165 29.22 6.87 -12.29
N LEU A 166 27.96 6.63 -12.69
CA LEU A 166 27.40 7.05 -13.96
C LEU A 166 27.27 8.56 -14.10
N THR A 167 27.17 8.99 -15.38
CA THR A 167 27.04 10.39 -15.80
C THR A 167 25.59 10.73 -16.06
N PRO A 168 25.06 11.77 -15.41
CA PRO A 168 23.69 12.17 -15.69
C PRO A 168 23.51 12.71 -17.10
N HIS A 169 22.48 12.25 -17.80
CA HIS A 169 22.15 12.73 -19.14
C HIS A 169 20.79 13.40 -19.05
N LEU A 170 20.80 14.74 -19.12
CA LEU A 170 19.64 15.60 -19.04
C LEU A 170 19.38 16.29 -20.37
N THR A 171 18.14 16.73 -20.58
CA THR A 171 17.74 17.41 -21.80
C THR A 171 17.04 18.69 -21.40
N MET A 172 17.38 19.82 -22.04
CA MET A 172 16.71 21.09 -21.76
C MET A 172 15.43 21.14 -22.54
N VAL A 173 14.29 20.98 -21.84
CA VAL A 173 12.97 21.07 -22.46
C VAL A 173 12.41 22.49 -22.21
N HIS A 174 11.97 23.18 -23.27
CA HIS A 174 11.46 24.54 -23.11
C HIS A 174 10.05 24.54 -22.54
N SER A 175 9.62 25.67 -21.96
CA SER A 175 8.30 25.83 -21.37
C SER A 175 7.16 25.62 -22.39
N SER A 176 7.39 26.01 -23.65
CA SER A 176 6.42 25.87 -24.75
C SER A 176 6.21 24.39 -25.12
N SER A 177 7.26 23.57 -24.94
CA SER A 177 7.19 22.16 -25.22
C SER A 177 6.35 21.48 -24.12
N ILE A 178 6.60 21.83 -22.84
CA ILE A 178 5.85 21.35 -21.69
C ILE A 178 4.37 21.72 -21.86
N LEU A 179 4.10 22.94 -22.31
CA LEU A 179 2.73 23.41 -22.55
C LEU A 179 2.04 22.71 -23.70
N ALA A 180 2.83 22.22 -24.68
CA ALA A 180 2.30 21.45 -25.77
C ALA A 180 1.90 20.05 -25.27
N MET A 181 2.56 19.51 -24.21
CA MET A 181 2.16 18.22 -23.63
C MET A 181 0.85 18.36 -22.90
N ARG A 182 0.63 19.48 -22.20
CA ARG A 182 -0.60 19.73 -21.46
C ARG A 182 -1.77 19.79 -22.41
N ASP A 183 -1.60 20.47 -23.53
CA ASP A 183 -2.64 20.63 -24.54
C ASP A 183 -2.94 19.31 -25.24
N GLU A 184 -1.91 18.48 -25.48
CA GLU A 184 -2.05 17.16 -26.11
C GLU A 184 -2.93 16.24 -25.26
N GLN A 185 -2.75 16.32 -23.94
CA GLN A 185 -3.45 15.48 -22.96
C GLN A 185 -4.73 16.08 -22.44
N SER A 186 -5.33 17.00 -23.19
CA SER A 186 -6.59 17.63 -22.79
C SER A 186 -7.75 16.65 -22.79
N ASN A 187 -8.71 16.86 -21.90
CA ASN A 187 -9.91 16.05 -21.87
C ASN A 187 -10.81 16.61 -22.98
N PRO A 188 -11.54 15.75 -23.72
CA PRO A 188 -12.44 16.27 -24.76
C PRO A 188 -13.61 17.06 -24.16
N ALA A 189 -14.23 17.93 -24.97
CA ALA A 189 -15.38 18.71 -24.51
C ALA A 189 -16.67 18.17 -25.11
N SER A 211 -38.26 12.52 15.39
CA SER A 211 -36.94 12.43 16.01
C SER A 211 -36.66 11.01 16.48
N LEU A 212 -35.40 10.54 16.26
CA LEU A 212 -34.92 9.22 16.64
C LEU A 212 -34.89 9.01 18.17
N TRP A 213 -34.48 10.03 18.94
CA TRP A 213 -34.37 9.96 20.40
C TRP A 213 -35.68 9.85 21.17
N SER A 214 -36.82 9.96 20.49
CA SER A 214 -38.14 9.77 21.12
C SER A 214 -38.53 8.29 21.17
N LEU A 215 -37.94 7.46 20.31
CA LEU A 215 -38.26 6.05 20.21
C LEU A 215 -37.51 5.22 21.27
N GLU A 216 -38.15 4.99 22.43
CA GLU A 216 -37.50 4.22 23.51
C GLU A 216 -37.80 2.71 23.47
N GLN A 217 -38.46 2.21 22.41
CA GLN A 217 -38.75 0.78 22.30
C GLN A 217 -37.47 -0.02 22.02
N PRO A 218 -37.35 -1.25 22.55
CA PRO A 218 -36.12 -2.02 22.32
C PRO A 218 -35.98 -2.40 20.84
N PHE A 219 -34.73 -2.43 20.33
CA PHE A 219 -34.49 -2.77 18.93
C PHE A 219 -34.87 -4.22 18.65
N SER A 220 -35.58 -4.44 17.55
CA SER A 220 -36.02 -5.78 17.18
C SER A 220 -36.10 -5.94 15.66
N ILE A 221 -36.04 -7.18 15.19
CA ILE A 221 -36.17 -7.53 13.77
C ILE A 221 -36.97 -8.83 13.64
N GLU A 222 -37.54 -9.10 12.45
CA GLU A 222 -38.25 -10.35 12.23
C GLU A 222 -37.46 -11.28 11.30
N LEU A 223 -36.91 -12.37 11.85
CA LEU A 223 -36.21 -13.36 11.06
C LEU A 223 -37.30 -14.17 10.36
N ILE A 224 -37.57 -13.89 9.07
CA ILE A 224 -38.64 -14.56 8.34
C ILE A 224 -38.22 -15.98 7.82
N GLU A 225 -37.47 -16.11 6.73
CA GLU A 225 -37.09 -17.41 6.17
C GLU A 225 -35.67 -17.37 5.51
N GLY A 226 -35.14 -18.53 5.15
CA GLY A 226 -33.85 -18.66 4.49
C GLY A 226 -33.99 -19.44 3.19
N ARG A 227 -33.07 -19.23 2.24
CA ARG A 227 -33.15 -19.91 0.94
C ARG A 227 -31.83 -20.54 0.52
N LYS A 228 -31.85 -21.55 -0.36
CA LYS A 228 -30.67 -22.23 -0.88
C LYS A 228 -29.65 -22.67 0.19
N VAL A 229 -30.14 -23.14 1.36
CA VAL A 229 -29.26 -23.56 2.44
C VAL A 229 -28.75 -25.00 2.25
N ASN A 230 -27.43 -25.13 2.12
CA ASN A 230 -26.79 -26.44 1.98
C ASN A 230 -26.13 -26.81 3.31
N ALA A 231 -26.71 -27.77 4.03
CA ALA A 231 -26.22 -28.20 5.33
C ALA A 231 -26.52 -29.70 5.59
N ASP A 232 -25.89 -30.30 6.64
CA ASP A 232 -26.10 -31.70 7.02
C ASP A 232 -27.52 -31.91 7.56
N GLU A 233 -28.28 -32.84 6.96
CA GLU A 233 -29.67 -33.06 7.34
C GLU A 233 -29.88 -33.69 8.74
N ARG A 234 -28.83 -34.27 9.37
CA ARG A 234 -28.94 -34.80 10.73
C ARG A 234 -29.00 -33.64 11.78
N MET A 235 -28.39 -32.49 11.44
CA MET A 235 -28.24 -31.31 12.27
C MET A 235 -29.42 -30.30 12.16
N LYS A 236 -29.42 -29.25 13.01
CA LYS A 236 -30.45 -28.22 12.99
C LYS A 236 -29.82 -26.83 12.70
N LEU A 237 -30.61 -25.89 12.14
CA LEU A 237 -30.15 -24.54 11.77
C LEU A 237 -30.40 -23.50 12.85
N VAL A 238 -29.42 -22.61 13.06
CA VAL A 238 -29.51 -21.52 14.04
C VAL A 238 -29.05 -20.22 13.41
N VAL A 239 -29.67 -19.10 13.79
CA VAL A 239 -29.28 -17.78 13.32
C VAL A 239 -28.90 -16.89 14.49
N GLN A 240 -27.59 -16.74 14.71
CA GLN A 240 -27.08 -15.85 15.76
C GLN A 240 -27.08 -14.42 15.19
N ALA A 241 -27.12 -13.41 16.06
CA ALA A 241 -27.12 -12.02 15.60
C ALA A 241 -26.59 -11.06 16.66
N GLY A 242 -25.70 -10.19 16.25
CA GLY A 242 -25.13 -9.19 17.14
C GLY A 242 -25.36 -7.79 16.62
N LEU A 243 -25.28 -6.78 17.50
CA LEU A 243 -25.44 -5.41 17.07
C LEU A 243 -24.12 -4.74 17.28
N PHE A 244 -23.46 -4.34 16.19
CA PHE A 244 -22.11 -3.79 16.32
C PHE A 244 -21.91 -2.34 15.95
N HIS A 245 -20.96 -1.71 16.62
CA HIS A 245 -20.46 -0.38 16.30
C HIS A 245 -18.94 -0.59 16.07
N GLY A 246 -18.61 -1.14 14.90
CA GLY A 246 -17.24 -1.51 14.58
C GLY A 246 -16.90 -2.84 15.23
N ASN A 247 -15.88 -2.83 16.10
CA ASN A 247 -15.44 -4.02 16.85
C ASN A 247 -16.30 -4.25 18.09
N GLU A 248 -16.79 -3.19 18.72
CA GLU A 248 -17.54 -3.33 19.96
C GLU A 248 -19.00 -3.77 19.82
N MET A 249 -19.46 -4.58 20.77
CA MET A 249 -20.87 -5.01 20.80
C MET A 249 -21.66 -3.92 21.45
N LEU A 250 -22.80 -3.56 20.85
CA LEU A 250 -23.72 -2.56 21.38
C LEU A 250 -24.62 -3.11 22.51
N CYS A 251 -24.83 -4.43 22.48
CA CYS A 251 -25.61 -5.23 23.41
C CYS A 251 -25.20 -6.72 23.20
N LYS A 252 -25.61 -7.60 24.10
CA LYS A 252 -25.31 -9.03 23.98
C LYS A 252 -25.88 -9.62 22.69
N THR A 253 -25.19 -10.64 22.15
CA THR A 253 -25.67 -11.28 20.94
C THR A 253 -26.88 -12.14 21.28
N VAL A 254 -27.84 -12.17 20.37
CA VAL A 254 -29.03 -13.00 20.53
C VAL A 254 -28.90 -14.21 19.60
N SER A 255 -29.73 -15.23 19.82
CA SER A 255 -29.73 -16.42 18.98
C SER A 255 -31.16 -16.79 18.59
N SER A 256 -31.32 -17.46 17.47
CA SER A 256 -32.64 -17.89 17.02
C SER A 256 -32.96 -19.30 17.59
N SER A 257 -34.17 -19.81 17.32
CA SER A 257 -34.54 -21.16 17.72
C SER A 257 -34.02 -22.15 16.66
N GLU A 258 -33.88 -23.42 17.04
CA GLU A 258 -33.43 -24.45 16.12
C GLU A 258 -34.58 -24.88 15.23
N VAL A 259 -34.30 -25.06 13.93
CA VAL A 259 -35.24 -25.45 12.88
C VAL A 259 -34.48 -26.48 12.04
N ASN A 260 -35.09 -27.63 11.72
CA ASN A 260 -34.43 -28.67 10.93
C ASN A 260 -33.79 -28.18 9.64
N VAL A 261 -32.65 -28.79 9.27
CA VAL A 261 -31.94 -28.45 8.05
C VAL A 261 -32.79 -28.82 6.81
N CYS A 262 -32.82 -27.88 5.83
CA CYS A 262 -33.49 -27.95 4.54
C CYS A 262 -33.11 -26.71 3.68
N SER A 263 -33.42 -26.73 2.37
CA SER A 263 -33.10 -25.60 1.50
C SER A 263 -33.90 -24.33 1.89
N GLU A 264 -35.12 -24.50 2.41
CA GLU A 264 -35.95 -23.34 2.78
C GLU A 264 -36.36 -23.30 4.28
N PRO A 265 -35.41 -22.99 5.21
CA PRO A 265 -35.81 -22.92 6.62
C PRO A 265 -36.75 -21.76 6.89
N VAL A 266 -37.70 -21.94 7.80
CA VAL A 266 -38.67 -20.90 8.14
C VAL A 266 -38.61 -20.65 9.65
N TRP A 267 -38.61 -19.37 10.04
CA TRP A 267 -38.59 -18.99 11.45
C TRP A 267 -39.80 -18.11 11.80
N LYS A 268 -39.99 -17.00 11.05
CA LYS A 268 -41.00 -15.95 11.26
C LYS A 268 -41.09 -15.48 12.73
N GLN A 269 -39.92 -15.28 13.37
CA GLN A 269 -39.84 -14.89 14.78
C GLN A 269 -39.15 -13.53 15.04
N ARG A 270 -39.58 -12.85 16.11
CA ARG A 270 -39.09 -11.52 16.51
C ARG A 270 -37.93 -11.61 17.52
N LEU A 271 -36.75 -11.12 17.14
CA LEU A 271 -35.58 -11.14 18.02
C LEU A 271 -35.38 -9.77 18.67
N GLU A 272 -35.35 -9.71 20.02
CA GLU A 272 -35.17 -8.42 20.71
C GLU A 272 -33.76 -8.24 21.32
N PHE A 273 -33.15 -7.06 21.06
CA PHE A 273 -31.82 -6.69 21.54
C PHE A 273 -31.92 -5.71 22.69
N ASP A 274 -31.08 -5.86 23.72
CA ASP A 274 -31.06 -4.99 24.90
C ASP A 274 -30.45 -3.63 24.59
N ILE A 275 -31.17 -2.81 23.81
CA ILE A 275 -30.77 -1.46 23.40
C ILE A 275 -32.02 -0.73 22.88
N SER A 276 -32.18 0.53 23.28
CA SER A 276 -33.29 1.35 22.82
C SER A 276 -33.08 1.72 21.36
N VAL A 277 -34.17 1.92 20.60
CA VAL A 277 -34.03 2.34 19.20
C VAL A 277 -33.39 3.75 19.13
N CYS A 278 -33.64 4.61 20.14
CA CYS A 278 -33.04 5.95 20.21
C CYS A 278 -31.52 5.93 20.47
N ASP A 279 -31.02 4.85 21.11
CA ASP A 279 -29.61 4.71 21.50
C ASP A 279 -28.68 4.15 20.43
N LEU A 280 -29.25 3.57 19.35
CA LEU A 280 -28.53 3.03 18.20
C LEU A 280 -27.64 4.11 17.61
N PRO A 281 -26.32 3.85 17.44
CA PRO A 281 -25.46 4.90 16.87
C PRO A 281 -25.61 4.99 15.37
N ARG A 282 -25.16 6.11 14.78
CA ARG A 282 -25.28 6.32 13.34
C ARG A 282 -24.65 5.20 12.52
N MET A 283 -23.38 4.86 12.83
CA MET A 283 -22.68 3.79 12.11
C MET A 283 -22.89 2.41 12.75
N ALA A 284 -24.15 2.05 13.08
CA ALA A 284 -24.45 0.74 13.66
C ALA A 284 -24.78 -0.28 12.59
N ARG A 285 -24.26 -1.51 12.74
CA ARG A 285 -24.51 -2.59 11.77
C ARG A 285 -25.04 -3.87 12.42
N LEU A 286 -26.02 -4.52 11.77
CA LEU A 286 -26.62 -5.77 12.22
C LEU A 286 -25.89 -6.92 11.59
N CYS A 287 -25.19 -7.72 12.40
CA CYS A 287 -24.41 -8.85 11.95
C CYS A 287 -25.05 -10.21 12.19
N PHE A 288 -25.22 -10.99 11.13
CA PHE A 288 -25.84 -12.32 11.14
C PHE A 288 -24.84 -13.44 10.91
N ALA A 289 -25.18 -14.63 11.40
CA ALA A 289 -24.39 -15.83 11.20
C ALA A 289 -25.31 -17.03 11.16
N LEU A 290 -25.39 -17.71 10.01
CA LEU A 290 -26.21 -18.91 9.88
C LEU A 290 -25.27 -20.11 10.05
N TYR A 291 -25.63 -21.04 10.93
CA TYR A 291 -24.78 -22.19 11.20
C TYR A 291 -25.56 -23.46 11.61
N ALA A 292 -24.89 -24.61 11.64
CA ALA A 292 -25.50 -25.87 12.03
C ALA A 292 -25.03 -26.30 13.42
N VAL A 293 -25.94 -26.95 14.18
CA VAL A 293 -25.67 -27.45 15.52
C VAL A 293 -25.99 -28.95 15.63
N VAL A 294 -25.46 -29.62 16.66
CA VAL A 294 -25.68 -31.06 16.85
C VAL A 294 -26.87 -31.32 17.79
N ASP A 311 -19.87 -28.14 15.20
CA ASP A 311 -20.22 -26.72 15.04
C ASP A 311 -19.84 -26.15 13.67
N CYS A 312 -20.44 -26.69 12.60
CA CYS A 312 -20.17 -26.26 11.23
C CYS A 312 -20.82 -24.90 10.88
N PRO A 313 -19.99 -23.88 10.54
CA PRO A 313 -20.54 -22.57 10.17
C PRO A 313 -20.87 -22.54 8.68
N ILE A 314 -22.03 -22.00 8.32
CA ILE A 314 -22.51 -22.02 6.94
C ILE A 314 -22.33 -20.70 6.18
N ALA A 315 -22.92 -19.61 6.69
CA ALA A 315 -22.87 -18.33 6.02
C ALA A 315 -22.89 -17.14 7.00
N TRP A 316 -22.59 -15.92 6.52
CA TRP A 316 -22.60 -14.69 7.29
C TRP A 316 -23.24 -13.54 6.44
N ALA A 317 -23.71 -12.48 7.10
CA ALA A 317 -24.30 -11.32 6.45
C ALA A 317 -24.27 -10.12 7.39
N ASN A 318 -24.17 -8.92 6.85
CA ASN A 318 -24.18 -7.68 7.63
C ASN A 318 -24.94 -6.64 6.85
N LEU A 319 -25.42 -5.63 7.55
CA LEU A 319 -26.07 -4.49 6.93
C LEU A 319 -26.13 -3.35 7.92
N MET A 320 -26.13 -2.14 7.39
CA MET A 320 -26.25 -0.95 8.20
C MET A 320 -27.72 -0.76 8.57
N LEU A 321 -27.99 -0.36 9.81
CA LEU A 321 -29.37 -0.07 10.23
C LEU A 321 -29.86 1.29 9.66
N PHE A 322 -28.93 2.17 9.28
CA PHE A 322 -29.27 3.46 8.68
C PHE A 322 -28.77 3.45 7.26
N ASP A 323 -29.56 3.93 6.32
CA ASP A 323 -29.16 3.99 4.93
C ASP A 323 -28.18 5.16 4.69
N TYR A 324 -27.67 5.32 3.45
CA TYR A 324 -26.70 6.37 3.13
C TYR A 324 -27.25 7.80 3.31
N LYS A 325 -28.56 8.00 3.14
CA LYS A 325 -29.19 9.30 3.32
C LYS A 325 -29.64 9.57 4.78
N ASP A 326 -29.20 8.72 5.74
CA ASP A 326 -29.39 8.75 7.19
C ASP A 326 -30.76 8.23 7.67
N GLN A 327 -31.55 7.61 6.78
CA GLN A 327 -32.89 7.10 7.12
C GLN A 327 -32.83 5.71 7.74
N LEU A 328 -33.60 5.49 8.80
CA LEU A 328 -33.66 4.20 9.47
C LEU A 328 -34.31 3.20 8.53
N LYS A 329 -33.67 2.05 8.32
CA LYS A 329 -34.17 1.06 7.37
C LYS A 329 -35.44 0.35 7.81
N THR A 330 -36.46 0.28 6.92
CA THR A 330 -37.72 -0.42 7.20
C THR A 330 -38.18 -1.26 6.01
N GLY A 331 -38.85 -2.35 6.30
CA GLY A 331 -39.40 -3.25 5.28
C GLY A 331 -38.72 -4.60 5.24
N GLU A 332 -38.99 -5.37 4.19
CA GLU A 332 -38.36 -6.66 4.01
C GLU A 332 -37.01 -6.50 3.29
N ARG A 333 -36.02 -7.29 3.70
CA ARG A 333 -34.70 -7.29 3.09
C ARG A 333 -34.31 -8.72 2.76
N CYS A 334 -33.63 -8.91 1.63
CA CYS A 334 -33.12 -10.21 1.27
C CYS A 334 -31.61 -10.11 1.34
N LEU A 335 -31.01 -10.87 2.25
CA LEU A 335 -29.57 -10.82 2.46
C LEU A 335 -28.89 -12.01 1.82
N TYR A 336 -28.26 -11.79 0.67
CA TYR A 336 -27.51 -12.83 0.00
C TYR A 336 -26.22 -12.94 0.79
N MET A 337 -26.10 -14.05 1.50
CA MET A 337 -25.03 -14.32 2.45
C MET A 337 -23.74 -14.77 1.81
N TRP A 338 -22.63 -14.63 2.55
CA TRP A 338 -21.31 -15.05 2.08
C TRP A 338 -20.92 -16.35 2.76
N PRO A 339 -20.25 -17.26 2.05
CA PRO A 339 -19.86 -18.54 2.67
C PRO A 339 -18.73 -18.44 3.68
N SER A 340 -18.91 -19.08 4.84
CA SER A 340 -17.91 -19.12 5.89
C SER A 340 -17.02 -20.35 5.69
N VAL A 341 -15.67 -20.17 5.78
CA VAL A 341 -14.71 -21.27 5.63
C VAL A 341 -14.38 -21.84 7.02
N LEU A 348 -17.61 -16.16 15.67
CA LEU A 348 -18.56 -16.69 14.68
C LEU A 348 -19.16 -15.58 13.82
N LEU A 349 -19.71 -14.50 14.48
CA LEU A 349 -20.26 -13.32 13.81
C LEU A 349 -19.09 -12.52 13.22
N ASN A 350 -19.27 -11.94 12.03
CA ASN A 350 -18.18 -11.22 11.36
C ASN A 350 -18.44 -9.70 11.23
N PRO A 351 -18.23 -8.91 12.30
CA PRO A 351 -18.52 -7.46 12.19
C PRO A 351 -17.74 -6.67 11.15
N ALA A 352 -16.44 -6.97 10.92
CA ALA A 352 -15.64 -6.22 9.95
C ALA A 352 -15.99 -6.46 8.48
N GLY A 353 -16.71 -7.55 8.19
CA GLY A 353 -17.14 -7.91 6.85
C GLY A 353 -18.02 -6.88 6.17
N THR A 354 -18.07 -6.92 4.85
CA THR A 354 -18.82 -5.99 4.01
C THR A 354 -20.33 -5.93 4.34
N VAL A 355 -20.89 -4.71 4.32
CA VAL A 355 -22.31 -4.49 4.52
C VAL A 355 -23.13 -4.60 3.22
N ARG A 356 -22.52 -5.01 2.10
CA ARG A 356 -23.22 -5.20 0.82
C ARG A 356 -23.42 -6.71 0.60
N GLY A 357 -24.54 -7.07 -0.03
CA GLY A 357 -24.89 -8.47 -0.26
C GLY A 357 -24.02 -9.20 -1.26
N ASN A 358 -24.07 -10.55 -1.26
CA ASN A 358 -23.34 -11.43 -2.17
C ASN A 358 -23.88 -11.25 -3.58
N PRO A 359 -23.04 -10.79 -4.53
CA PRO A 359 -23.52 -10.57 -5.91
C PRO A 359 -24.08 -11.77 -6.64
N ASN A 360 -23.50 -12.97 -6.45
CA ASN A 360 -23.99 -14.16 -7.12
C ASN A 360 -25.29 -14.62 -6.50
N THR A 361 -26.41 -14.14 -7.05
CA THR A 361 -27.73 -14.52 -6.57
C THR A 361 -28.16 -15.92 -7.13
N GLU A 362 -27.41 -16.49 -8.10
CA GLU A 362 -27.72 -17.81 -8.66
C GLU A 362 -27.33 -18.97 -7.74
N SER A 363 -26.89 -18.72 -6.49
CA SER A 363 -26.48 -19.81 -5.60
C SER A 363 -26.27 -19.41 -4.15
N ALA A 364 -26.10 -18.11 -3.87
CA ALA A 364 -25.90 -17.66 -2.49
C ALA A 364 -27.15 -17.93 -1.66
N ALA A 365 -26.95 -18.32 -0.39
CA ALA A 365 -28.04 -18.57 0.54
C ALA A 365 -28.62 -17.19 0.92
N ALA A 366 -29.95 -17.04 0.98
CA ALA A 366 -30.54 -15.74 1.26
C ALA A 366 -31.43 -15.66 2.48
N LEU A 367 -30.95 -15.00 3.53
CA LEU A 367 -31.75 -14.81 4.73
C LEU A 367 -32.74 -13.68 4.48
N VAL A 368 -34.00 -13.91 4.78
CA VAL A 368 -35.07 -12.93 4.60
C VAL A 368 -35.43 -12.35 5.98
N ILE A 369 -35.35 -11.02 6.10
CA ILE A 369 -35.61 -10.34 7.37
C ILE A 369 -36.63 -9.20 7.20
N TYR A 370 -37.26 -8.78 8.31
CA TYR A 370 -38.18 -7.66 8.27
C TYR A 370 -37.78 -6.63 9.33
N LEU A 371 -37.39 -5.45 8.88
CA LEU A 371 -37.03 -4.37 9.79
C LEU A 371 -38.32 -3.62 10.09
N PRO A 372 -38.76 -3.64 11.35
CA PRO A 372 -40.07 -3.05 11.68
C PRO A 372 -40.15 -1.54 11.51
N GLU A 373 -41.38 -1.04 11.41
CA GLU A 373 -41.65 0.38 11.27
C GLU A 373 -41.79 0.91 12.68
N VAL A 374 -40.90 1.80 13.07
CA VAL A 374 -40.91 2.36 14.41
C VAL A 374 -41.67 3.70 14.51
N ALA A 375 -42.30 4.16 13.40
CA ALA A 375 -43.03 5.43 13.33
C ALA A 375 -43.87 5.49 12.04
N PRO A 376 -44.94 6.34 12.01
CA PRO A 376 -45.71 6.48 10.78
C PRO A 376 -45.00 7.30 9.70
N HIS A 377 -43.91 8.01 10.08
CA HIS A 377 -43.08 8.84 9.19
C HIS A 377 -41.64 8.28 9.14
N PRO A 378 -40.84 8.58 8.09
CA PRO A 378 -39.46 8.08 8.07
C PRO A 378 -38.63 8.77 9.14
N VAL A 379 -37.81 7.99 9.86
CA VAL A 379 -36.97 8.53 10.90
C VAL A 379 -35.54 8.62 10.41
N TYR A 380 -35.01 9.85 10.33
CA TYR A 380 -33.67 10.12 9.90
C TYR A 380 -32.75 10.30 11.12
N PHE A 381 -31.43 10.31 10.90
CA PHE A 381 -30.48 10.50 11.98
C PHE A 381 -30.38 12.00 12.24
N PRO A 382 -30.39 12.41 13.51
CA PRO A 382 -30.31 13.85 13.81
C PRO A 382 -29.14 14.58 13.14
N ALA A 383 -29.35 15.85 12.78
CA ALA A 383 -28.32 16.66 12.15
C ALA A 383 -27.19 16.97 13.14
N LEU A 384 -26.01 17.40 12.62
CA LEU A 384 -24.87 17.77 13.46
C LEU A 384 -25.25 18.92 14.40
N GLU A 385 -26.06 19.88 13.91
CA GLU A 385 -26.60 21.00 14.71
C GLU A 385 -27.44 20.51 15.91
N LYS A 386 -28.34 19.54 15.69
CA LYS A 386 -29.16 18.98 16.77
C LYS A 386 -28.32 18.19 17.79
N ILE A 387 -27.27 17.47 17.30
CA ILE A 387 -26.37 16.65 18.12
C ILE A 387 -25.45 17.51 18.98
N LEU A 388 -24.85 18.55 18.39
CA LEU A 388 -23.95 19.46 19.08
C LEU A 388 -24.62 20.22 20.21
N GLU A 389 -25.94 20.42 20.14
CA GLU A 389 -26.67 21.12 21.18
C GLU A 389 -26.90 20.23 22.40
N LEU A 390 -27.20 18.95 22.17
CA LEU A 390 -27.37 17.99 23.25
C LEU A 390 -26.06 17.80 24.03
N GLY A 391 -24.95 17.66 23.31
CA GLY A 391 -23.61 17.42 23.84
C GLY A 391 -22.93 18.64 24.43
N ARG A 392 -23.37 19.84 23.99
CA ARG A 392 -22.93 21.17 24.44
C ARG A 392 -23.19 21.33 25.95
N HIS A 393 -24.34 20.82 26.42
CA HIS A 393 -24.69 20.81 27.83
C HIS A 393 -24.06 19.56 28.41
N GLY A 394 -23.05 19.77 29.24
CA GLY A 394 -22.31 18.68 29.85
C GLY A 394 -21.51 19.15 31.04
N GLU A 395 -22.08 18.94 32.24
CA GLU A 395 -21.53 19.33 33.53
C GLU A 395 -20.04 19.02 33.70
N ARG A 396 -19.29 19.98 34.25
CA ARG A 396 -17.87 19.79 34.51
C ARG A 396 -17.68 19.79 36.02
N GLY A 397 -17.08 18.73 36.54
CA GLY A 397 -16.81 18.58 37.97
C GLY A 397 -15.36 18.82 38.31
N ARG A 398 -15.08 19.28 39.54
CA ARG A 398 -13.72 19.56 39.98
C ARG A 398 -12.94 18.26 40.23
N ILE A 399 -11.66 18.22 39.83
CA ILE A 399 -10.83 17.03 40.00
C ILE A 399 -9.69 17.25 40.99
N THR A 400 -9.45 16.25 41.85
CA THR A 400 -8.39 16.25 42.86
C THR A 400 -7.03 16.22 42.19
N GLU A 401 -6.00 16.81 42.83
CA GLU A 401 -4.64 16.74 42.30
C GLU A 401 -4.10 15.31 42.36
N GLU A 402 -4.55 14.52 43.36
CA GLU A 402 -4.18 13.12 43.48
C GLU A 402 -4.90 12.27 42.42
N GLU A 403 -6.11 12.67 42.02
CA GLU A 403 -6.87 12.00 40.96
C GLU A 403 -6.33 12.39 39.56
N GLN A 404 -5.67 13.56 39.44
CA GLN A 404 -5.03 14.04 38.21
C GLN A 404 -3.70 13.34 37.93
N LEU A 405 -3.03 12.82 38.98
CA LEU A 405 -1.78 12.07 38.83
C LEU A 405 -2.07 10.68 38.22
N GLN A 406 -3.23 10.10 38.54
CA GLN A 406 -3.66 8.81 38.02
C GLN A 406 -3.98 8.88 36.53
N LEU A 407 -4.52 10.02 36.06
CA LEU A 407 -4.83 10.22 34.64
C LEU A 407 -3.56 10.40 33.80
N ARG A 408 -2.64 11.29 34.22
CA ARG A 408 -1.39 11.56 33.50
C ARG A 408 -0.54 10.29 33.35
N GLU A 409 -0.61 9.38 34.33
CA GLU A 409 0.13 8.13 34.29
C GLU A 409 -0.44 7.12 33.28
N ILE A 410 -1.77 6.93 33.28
CA ILE A 410 -2.39 5.96 32.36
C ILE A 410 -2.53 6.49 30.93
N LEU A 411 -2.47 7.81 30.73
CA LEU A 411 -2.54 8.36 29.37
C LEU A 411 -1.19 8.21 28.67
N GLU A 412 -0.09 8.40 29.41
CA GLU A 412 1.26 8.28 28.85
C GLU A 412 1.76 6.83 28.75
N ARG A 413 1.08 5.89 29.44
CA ARG A 413 1.41 4.46 29.46
C ARG A 413 1.23 3.80 28.09
N GLY A 417 -2.30 -0.66 25.02
CA GLY A 417 -2.45 -0.35 26.43
C GLY A 417 -3.87 -0.47 26.93
N GLU A 418 -4.28 -1.69 27.30
CA GLU A 418 -5.64 -1.96 27.78
C GLU A 418 -5.91 -1.36 29.19
N LEU A 419 -7.15 -0.90 29.42
CA LEU A 419 -7.53 -0.27 30.69
C LEU A 419 -8.40 -1.15 31.58
N TYR A 420 -8.36 -0.86 32.90
CA TYR A 420 -9.20 -1.51 33.90
C TYR A 420 -10.54 -0.75 34.00
N GLU A 421 -11.61 -1.43 34.44
CA GLU A 421 -12.94 -0.84 34.50
C GLU A 421 -13.02 0.50 35.24
N HIS A 422 -12.32 0.66 36.38
CA HIS A 422 -12.36 1.91 37.15
C HIS A 422 -11.55 3.06 36.51
N GLU A 423 -10.57 2.71 35.66
CA GLU A 423 -9.75 3.72 35.00
C GLU A 423 -10.51 4.38 33.85
N LYS A 424 -11.36 3.62 33.14
CA LYS A 424 -12.19 4.16 32.06
C LYS A 424 -13.15 5.21 32.62
N ASP A 425 -13.69 4.97 33.83
CA ASP A 425 -14.58 5.86 34.58
C ASP A 425 -13.90 7.23 34.79
N LEU A 426 -12.58 7.21 35.08
CA LEU A 426 -11.75 8.39 35.31
C LEU A 426 -11.39 9.10 34.00
N VAL A 427 -11.08 8.34 32.94
CA VAL A 427 -10.77 8.91 31.62
C VAL A 427 -11.99 9.66 31.09
N TRP A 428 -13.20 9.08 31.26
CA TRP A 428 -14.43 9.73 30.80
C TRP A 428 -14.74 11.00 31.58
N LYS A 429 -14.65 10.95 32.92
CA LYS A 429 -14.91 12.10 33.78
C LYS A 429 -14.00 13.27 33.43
N MET A 430 -12.74 12.97 33.09
CA MET A 430 -11.72 13.96 32.76
C MET A 430 -11.56 14.24 31.28
N ARG A 431 -12.57 13.95 30.45
CA ARG A 431 -12.53 14.17 29.02
C ARG A 431 -12.15 15.61 28.59
N HIS A 432 -12.57 16.64 29.35
CA HIS A 432 -12.28 18.05 29.05
C HIS A 432 -10.81 18.37 29.32
N GLU A 433 -10.28 17.83 30.42
CA GLU A 433 -8.87 18.02 30.76
C GLU A 433 -7.95 17.29 29.75
N VAL A 434 -8.47 16.19 29.14
CA VAL A 434 -7.84 15.36 28.11
C VAL A 434 -7.74 16.16 26.80
N GLN A 435 -8.83 16.80 26.38
CA GLN A 435 -8.88 17.59 25.15
C GLN A 435 -7.89 18.74 25.18
N GLU A 436 -7.76 19.39 26.34
CA GLU A 436 -6.95 20.58 26.47
C GLU A 436 -5.50 20.36 26.89
N HIS A 437 -5.16 19.22 27.51
CA HIS A 437 -3.77 18.98 27.92
C HIS A 437 -3.13 17.78 27.25
N PHE A 438 -3.94 16.74 26.98
CA PHE A 438 -3.44 15.53 26.31
C PHE A 438 -4.25 15.26 25.02
N PRO A 439 -4.33 16.19 24.05
CA PRO A 439 -5.16 15.93 22.85
C PRO A 439 -4.75 14.71 22.03
N GLU A 440 -3.50 14.25 22.19
CA GLU A 440 -3.03 13.05 21.49
C GLU A 440 -3.64 11.76 22.07
N ALA A 441 -4.32 11.84 23.23
CA ALA A 441 -5.00 10.69 23.83
C ALA A 441 -6.45 10.50 23.34
N LEU A 442 -6.87 11.23 22.28
CA LEU A 442 -8.19 11.16 21.66
C LEU A 442 -8.68 9.73 21.42
N ALA A 443 -7.83 8.85 20.86
CA ALA A 443 -8.24 7.47 20.60
C ALA A 443 -8.54 6.67 21.88
N ARG A 444 -7.87 6.98 23.00
CA ARG A 444 -8.13 6.27 24.26
C ARG A 444 -9.51 6.65 24.74
N LEU A 445 -9.80 7.97 24.76
CA LEU A 445 -11.07 8.54 25.15
C LEU A 445 -12.19 8.02 24.25
N LEU A 446 -11.97 7.96 22.93
CA LEU A 446 -12.98 7.44 22.01
C LEU A 446 -13.38 6.00 22.36
N LEU A 447 -12.41 5.19 22.80
CA LEU A 447 -12.68 3.82 23.18
C LEU A 447 -13.41 3.72 24.53
N VAL A 448 -13.20 4.68 25.44
CA VAL A 448 -13.92 4.69 26.71
C VAL A 448 -15.36 5.22 26.57
N THR A 449 -15.68 5.94 25.48
CA THR A 449 -17.02 6.46 25.20
C THR A 449 -17.99 5.29 25.00
N LYS A 450 -19.21 5.38 25.54
CA LYS A 450 -20.23 4.34 25.41
C LYS A 450 -21.02 4.66 24.16
N TRP A 451 -20.73 3.96 23.07
CA TRP A 451 -21.40 4.23 21.79
C TRP A 451 -22.88 3.79 21.79
N ASN A 452 -23.30 2.94 22.75
CA ASN A 452 -24.69 2.52 22.89
C ASN A 452 -25.53 3.43 23.79
N LYS A 453 -25.01 4.62 24.16
CA LYS A 453 -25.71 5.56 25.04
C LYS A 453 -25.60 6.92 24.38
N HIS A 454 -26.60 7.32 23.58
CA HIS A 454 -26.60 8.57 22.83
C HIS A 454 -26.13 9.84 23.59
N GLU A 455 -26.41 9.98 24.91
CA GLU A 455 -25.94 11.17 25.66
C GLU A 455 -24.40 11.23 25.66
N ASP A 456 -23.73 10.07 25.85
CA ASP A 456 -22.26 9.96 25.84
C ASP A 456 -21.71 10.33 24.46
N VAL A 457 -22.33 9.80 23.39
CA VAL A 457 -21.93 10.02 22.00
C VAL A 457 -22.07 11.50 21.61
N ALA A 458 -23.16 12.16 22.03
CA ALA A 458 -23.35 13.60 21.75
C ALA A 458 -22.27 14.41 22.47
N GLN A 459 -21.95 14.03 23.71
CA GLN A 459 -20.96 14.70 24.54
C GLN A 459 -19.58 14.59 23.94
N MET A 460 -19.24 13.40 23.43
CA MET A 460 -17.95 13.12 22.79
C MET A 460 -17.81 13.94 21.52
N LEU A 461 -18.82 13.90 20.62
CA LEU A 461 -18.79 14.64 19.37
C LEU A 461 -18.67 16.15 19.56
N TYR A 462 -19.15 16.67 20.71
CA TYR A 462 -19.03 18.10 21.00
C TYR A 462 -17.55 18.49 21.27
N LEU A 463 -16.81 17.59 21.91
CA LEU A 463 -15.39 17.78 22.16
C LEU A 463 -14.60 17.62 20.86
N LEU A 464 -14.97 16.63 20.05
CA LEU A 464 -14.33 16.38 18.77
C LEU A 464 -14.33 17.62 17.86
N CYS A 465 -15.46 18.32 17.78
CA CYS A 465 -15.58 19.50 16.93
C CYS A 465 -14.76 20.70 17.40
N SER A 466 -14.20 20.64 18.61
CA SER A 466 -13.33 21.71 19.13
C SER A 466 -11.84 21.21 19.26
N TRP A 467 -11.62 19.88 19.13
CA TRP A 467 -10.35 19.18 19.28
C TRP A 467 -9.31 19.68 18.33
N PRO A 468 -8.07 19.92 18.83
CA PRO A 468 -7.00 20.37 17.93
C PRO A 468 -6.59 19.31 16.91
N GLU A 469 -6.09 19.72 15.73
CA GLU A 469 -5.63 18.78 14.70
C GLU A 469 -4.50 17.88 15.20
N LEU A 470 -4.55 16.61 14.79
CA LEU A 470 -3.59 15.65 15.28
C LEU A 470 -2.45 15.41 14.32
N PRO A 471 -1.27 15.00 14.84
CA PRO A 471 -0.17 14.63 13.94
C PRO A 471 -0.55 13.41 13.10
N VAL A 472 -0.05 13.30 11.87
CA VAL A 472 -0.35 12.18 10.95
C VAL A 472 -0.36 10.80 11.62
N LEU A 473 0.60 10.53 12.51
CA LEU A 473 0.69 9.23 13.19
C LEU A 473 -0.61 8.93 13.97
N SER A 474 -1.16 9.93 14.66
CA SER A 474 -2.40 9.80 15.42
C SER A 474 -3.61 9.61 14.49
N ALA A 475 -3.65 10.33 13.37
CA ALA A 475 -4.71 10.23 12.37
C ALA A 475 -4.72 8.85 11.74
N LEU A 476 -3.54 8.25 11.51
CA LEU A 476 -3.46 6.90 10.95
C LEU A 476 -4.08 5.90 11.91
N GLU A 477 -3.92 6.14 13.23
CA GLU A 477 -4.55 5.29 14.24
C GLU A 477 -6.06 5.42 14.15
N LEU A 478 -6.58 6.66 13.99
CA LEU A 478 -8.02 6.91 13.89
C LEU A 478 -8.70 6.35 12.67
N LEU A 479 -7.94 5.81 11.70
CA LEU A 479 -8.54 5.20 10.51
C LEU A 479 -8.89 3.72 10.69
N ASP A 480 -8.48 3.14 11.81
CA ASP A 480 -8.72 1.76 12.22
C ASP A 480 -10.25 1.47 12.31
N PHE A 481 -10.65 0.23 12.00
CA PHE A 481 -12.05 -0.18 12.06
C PHE A 481 -12.68 0.05 13.47
N SER A 482 -11.84 0.04 14.51
CA SER A 482 -12.17 0.31 15.90
C SER A 482 -12.67 1.74 16.18
N PHE A 483 -12.87 2.57 15.14
CA PHE A 483 -13.38 3.95 15.27
C PHE A 483 -14.28 4.21 14.07
N PRO A 484 -15.48 3.62 14.06
CA PRO A 484 -16.34 3.75 12.88
C PRO A 484 -17.23 4.99 12.75
N ASP A 485 -17.19 5.96 13.69
CA ASP A 485 -18.06 7.13 13.54
C ASP A 485 -17.63 7.99 12.36
N CYS A 486 -18.60 8.38 11.49
CA CYS A 486 -18.27 9.18 10.30
C CYS A 486 -17.65 10.53 10.62
N TYR A 487 -17.78 10.99 11.86
CA TYR A 487 -17.17 12.24 12.29
C TYR A 487 -15.76 12.02 12.79
N VAL A 488 -15.48 10.85 13.37
CA VAL A 488 -14.13 10.51 13.79
C VAL A 488 -13.27 10.32 12.53
N GLY A 489 -13.83 9.63 11.53
CA GLY A 489 -13.18 9.41 10.25
C GLY A 489 -12.88 10.70 9.51
N SER A 490 -13.80 11.67 9.57
CA SER A 490 -13.68 13.00 8.95
C SER A 490 -12.66 13.87 9.71
N PHE A 491 -12.56 13.70 11.03
CA PHE A 491 -11.56 14.42 11.82
C PHE A 491 -10.16 13.85 11.49
N ALA A 492 -10.07 12.53 11.27
CA ALA A 492 -8.82 11.87 10.90
C ALA A 492 -8.38 12.33 9.51
N ILE A 493 -9.30 12.41 8.54
CA ILE A 493 -8.99 12.87 7.17
C ILE A 493 -8.53 14.33 7.15
N LYS A 494 -9.12 15.16 8.02
CA LYS A 494 -8.74 16.56 8.17
C LYS A 494 -7.28 16.64 8.65
N SER A 495 -6.91 15.78 9.61
CA SER A 495 -5.54 15.75 10.12
C SER A 495 -4.55 15.18 9.09
N LEU A 496 -5.02 14.35 8.13
CA LEU A 496 -4.20 13.76 7.03
C LEU A 496 -4.05 14.69 5.83
N ARG A 497 -4.90 15.71 5.69
CA ARG A 497 -4.80 16.65 4.57
C ARG A 497 -3.41 17.32 4.49
N LYS A 498 -2.68 17.39 5.63
CA LYS A 498 -1.35 17.96 5.68
C LYS A 498 -0.27 17.06 5.14
N LEU A 499 -0.55 15.73 4.98
CA LEU A 499 0.36 14.73 4.39
C LEU A 499 0.88 15.23 3.05
N THR A 500 2.18 15.17 2.87
CA THR A 500 2.90 15.53 1.65
C THR A 500 2.60 14.45 0.60
N ASP A 501 2.74 14.75 -0.71
CA ASP A 501 2.51 13.69 -1.72
C ASP A 501 3.45 12.48 -1.55
N ASP A 502 4.64 12.70 -0.94
CA ASP A 502 5.63 11.68 -0.66
C ASP A 502 5.20 10.82 0.53
N GLU A 503 4.62 11.43 1.59
CA GLU A 503 4.12 10.65 2.74
C GLU A 503 2.87 9.91 2.35
N LEU A 504 1.99 10.56 1.59
CA LEU A 504 0.78 9.97 1.10
C LEU A 504 1.03 8.69 0.33
N PHE A 505 1.90 8.75 -0.65
CA PHE A 505 2.33 7.64 -1.49
C PHE A 505 2.95 6.47 -0.66
N GLN A 506 3.64 6.80 0.43
CA GLN A 506 4.27 5.79 1.27
C GLN A 506 3.19 4.94 1.98
N TYR A 507 2.11 5.58 2.43
CA TYR A 507 1.00 4.90 3.10
C TYR A 507 -0.23 4.66 2.22
N LEU A 508 -0.14 4.89 0.91
CA LEU A 508 -1.24 4.73 -0.05
C LEU A 508 -1.83 3.35 -0.03
N LEU A 509 -0.99 2.30 0.03
CA LEU A 509 -1.45 0.92 0.02
C LEU A 509 -2.41 0.65 1.13
N GLN A 510 -2.08 1.09 2.35
CA GLN A 510 -2.90 0.89 3.54
C GLN A 510 -4.19 1.67 3.41
N LEU A 511 -4.12 2.93 2.91
CA LEU A 511 -5.31 3.74 2.73
C LEU A 511 -6.33 3.11 1.78
N VAL A 512 -5.87 2.32 0.81
CA VAL A 512 -6.76 1.61 -0.08
C VAL A 512 -7.46 0.47 0.66
N GLN A 513 -6.79 -0.18 1.63
CA GLN A 513 -7.42 -1.25 2.41
C GLN A 513 -8.49 -0.69 3.36
N VAL A 514 -8.31 0.55 3.83
CA VAL A 514 -9.28 1.24 4.68
C VAL A 514 -10.60 1.37 3.93
N LEU A 515 -10.59 1.57 2.59
CA LEU A 515 -11.83 1.67 1.80
C LEU A 515 -12.73 0.45 1.95
N LYS A 516 -12.16 -0.73 2.21
CA LYS A 516 -12.96 -1.94 2.41
C LYS A 516 -13.76 -1.90 3.72
N TYR A 517 -13.28 -1.16 4.73
CA TYR A 517 -13.99 -0.99 6.00
C TYR A 517 -15.15 0.01 5.85
N GLU A 518 -15.23 0.78 4.74
CA GLU A 518 -16.32 1.76 4.59
C GLU A 518 -17.69 1.10 4.55
N SER A 519 -18.68 1.82 5.09
CA SER A 519 -20.06 1.38 5.15
C SER A 519 -20.89 1.92 3.98
N TYR A 520 -20.45 3.03 3.34
CA TYR A 520 -21.17 3.65 2.21
C TYR A 520 -20.21 4.09 1.11
N LEU A 521 -20.65 3.95 -0.16
CA LEU A 521 -19.86 4.36 -1.33
C LEU A 521 -19.26 5.77 -1.25
N ASP A 522 -20.09 6.82 -1.12
CA ASP A 522 -19.55 8.19 -1.05
C ASP A 522 -19.05 8.50 0.35
N CYS A 523 -17.72 8.55 0.49
CA CYS A 523 -17.10 8.87 1.76
C CYS A 523 -15.98 9.87 1.60
N GLU A 524 -15.59 10.51 2.71
CA GLU A 524 -14.56 11.53 2.77
C GLU A 524 -13.23 10.96 2.32
N LEU A 525 -12.93 9.71 2.71
CA LEU A 525 -11.71 9.05 2.31
C LEU A 525 -11.63 8.84 0.80
N THR A 526 -12.76 8.45 0.16
CA THR A 526 -12.77 8.26 -1.28
C THR A 526 -12.53 9.58 -1.99
N LYS A 527 -13.16 10.67 -1.51
CA LYS A 527 -13.00 11.98 -2.10
C LYS A 527 -11.58 12.51 -1.90
N PHE A 528 -11.00 12.26 -0.74
CA PHE A 528 -9.63 12.67 -0.44
C PHE A 528 -8.66 11.92 -1.37
N LEU A 529 -8.78 10.58 -1.48
CA LEU A 529 -7.91 9.77 -2.32
C LEU A 529 -8.11 10.13 -3.79
N LEU A 530 -9.35 10.33 -4.23
CA LEU A 530 -9.63 10.71 -5.61
C LEU A 530 -9.10 12.11 -5.95
N GLY A 531 -9.17 13.01 -4.99
CA GLY A 531 -8.67 14.37 -5.16
C GLY A 531 -7.17 14.39 -5.27
N ARG A 532 -6.49 13.54 -4.48
CA ARG A 532 -5.02 13.51 -4.50
C ARG A 532 -4.50 12.80 -5.77
N ALA A 533 -5.22 11.78 -6.27
CA ALA A 533 -4.89 11.05 -7.50
C ALA A 533 -5.06 11.91 -8.75
N LEU A 534 -6.03 12.81 -8.72
CA LEU A 534 -6.30 13.72 -9.83
C LEU A 534 -5.32 14.90 -9.87
N ALA A 535 -4.63 15.19 -8.75
CA ALA A 535 -3.66 16.26 -8.69
C ALA A 535 -2.18 15.75 -8.74
N ASN A 536 -1.96 14.43 -8.76
CA ASN A 536 -0.61 13.87 -8.86
C ASN A 536 -0.79 12.58 -9.59
N ARG A 537 -0.24 12.53 -10.81
CA ARG A 537 -0.38 11.41 -11.74
C ARG A 537 0.30 10.11 -11.26
N LYS A 538 1.34 10.25 -10.40
CA LYS A 538 2.00 9.09 -9.82
C LYS A 538 1.07 8.43 -8.83
N ILE A 539 0.39 9.22 -7.96
CA ILE A 539 -0.60 8.70 -7.03
C ILE A 539 -1.76 8.08 -7.83
N GLY A 540 -2.26 8.79 -8.86
CA GLY A 540 -3.33 8.31 -9.71
C GLY A 540 -3.07 6.97 -10.37
N HIS A 541 -1.83 6.79 -10.86
CA HIS A 541 -1.34 5.57 -11.49
C HIS A 541 -1.48 4.38 -10.52
N PHE A 542 -0.88 4.50 -9.32
CA PHE A 542 -0.85 3.45 -8.31
C PHE A 542 -2.19 3.22 -7.71
N LEU A 543 -2.95 4.27 -7.44
CA LEU A 543 -4.32 4.10 -6.91
C LEU A 543 -5.15 3.29 -7.89
N PHE A 544 -4.96 3.49 -9.22
CA PHE A 544 -5.64 2.71 -10.24
C PHE A 544 -5.27 1.26 -10.12
N TRP A 545 -3.96 0.94 -10.08
CA TRP A 545 -3.51 -0.44 -10.03
C TRP A 545 -3.85 -1.14 -8.71
N HIS A 546 -3.96 -0.42 -7.57
CA HIS A 546 -4.35 -1.07 -6.32
C HIS A 546 -5.81 -1.52 -6.37
N LEU A 547 -6.67 -0.70 -7.01
CA LEU A 547 -8.08 -1.03 -7.18
C LEU A 547 -8.27 -2.07 -8.29
N ARG A 548 -7.59 -1.88 -9.45
CA ARG A 548 -7.70 -2.80 -10.59
C ARG A 548 -7.32 -4.21 -10.25
N SER A 549 -6.33 -4.36 -9.35
CA SER A 549 -5.85 -5.68 -8.96
C SER A 549 -6.83 -6.43 -8.07
N GLU A 550 -7.84 -5.77 -7.49
CA GLU A 550 -8.82 -6.45 -6.64
C GLU A 550 -10.19 -6.60 -7.30
N MET A 551 -10.30 -6.32 -8.61
CA MET A 551 -11.59 -6.40 -9.30
C MET A 551 -12.17 -7.79 -9.33
N HIS A 552 -11.32 -8.82 -9.20
CA HIS A 552 -11.74 -10.23 -9.18
C HIS A 552 -12.39 -10.64 -7.83
N VAL A 553 -12.33 -9.79 -6.80
CA VAL A 553 -12.92 -10.05 -5.49
C VAL A 553 -14.32 -9.46 -5.47
N PRO A 554 -15.36 -10.31 -5.46
CA PRO A 554 -16.73 -9.81 -5.60
C PRO A 554 -17.22 -8.85 -4.54
N SER A 555 -16.62 -8.93 -3.35
CA SER A 555 -17.00 -8.05 -2.26
C SER A 555 -16.54 -6.62 -2.49
N VAL A 556 -15.41 -6.41 -3.23
CA VAL A 556 -14.90 -5.05 -3.49
C VAL A 556 -15.08 -4.58 -4.93
N ALA A 557 -15.40 -5.48 -5.87
CA ALA A 557 -15.60 -5.11 -7.27
C ALA A 557 -16.51 -3.85 -7.51
N LEU A 558 -17.67 -3.72 -6.80
CA LEU A 558 -18.55 -2.58 -7.02
C LEU A 558 -17.93 -1.24 -6.65
N ARG A 559 -17.38 -1.14 -5.44
CA ARG A 559 -16.76 0.08 -4.99
C ARG A 559 -15.53 0.43 -5.86
N PHE A 560 -14.60 -0.51 -6.03
CA PHE A 560 -13.38 -0.25 -6.81
C PHE A 560 -13.65 0.08 -8.29
N GLY A 561 -14.60 -0.60 -8.93
CA GLY A 561 -14.97 -0.32 -10.31
C GLY A 561 -15.59 1.06 -10.46
N LEU A 562 -16.31 1.54 -9.41
CA LEU A 562 -16.93 2.87 -9.41
C LEU A 562 -15.89 3.97 -9.25
N ILE A 563 -14.95 3.82 -8.27
CA ILE A 563 -13.83 4.75 -8.03
C ILE A 563 -12.93 4.86 -9.29
N MET A 564 -12.67 3.74 -9.97
CA MET A 564 -11.88 3.73 -11.19
C MET A 564 -12.59 4.50 -12.33
N GLU A 565 -13.92 4.40 -12.39
CA GLU A 565 -14.71 5.09 -13.41
C GLU A 565 -14.69 6.61 -13.18
N ALA A 566 -14.76 7.03 -11.90
CA ALA A 566 -14.71 8.42 -11.51
C ALA A 566 -13.37 9.02 -11.92
N TYR A 567 -12.27 8.29 -11.73
CA TYR A 567 -10.93 8.74 -12.10
C TYR A 567 -10.83 8.95 -13.61
N CYS A 568 -11.34 7.98 -14.39
CA CYS A 568 -11.31 8.01 -15.83
C CYS A 568 -12.07 9.17 -16.44
N ARG A 569 -13.09 9.71 -15.72
CA ARG A 569 -13.79 10.90 -16.16
C ARG A 569 -12.81 12.09 -16.04
N GLY A 570 -12.11 12.16 -14.90
CA GLY A 570 -11.10 13.16 -14.60
C GLY A 570 -9.86 13.13 -15.46
N SER A 571 -9.46 11.96 -16.02
CA SER A 571 -8.25 11.89 -16.86
C SER A 571 -8.38 10.94 -18.02
N THR A 572 -8.93 11.43 -19.11
CA THR A 572 -9.14 10.69 -20.33
C THR A 572 -7.79 10.24 -20.93
N HIS A 573 -6.79 11.12 -20.94
CA HIS A 573 -5.47 10.76 -21.46
C HIS A 573 -4.81 9.65 -20.65
N HIS A 574 -4.91 9.71 -19.31
CA HIS A 574 -4.32 8.67 -18.47
C HIS A 574 -5.01 7.33 -18.63
N MET A 575 -6.32 7.30 -18.99
CA MET A 575 -7.07 6.06 -19.28
C MET A 575 -6.42 5.33 -20.48
N LYS A 576 -6.08 6.06 -21.54
CA LYS A 576 -5.43 5.52 -22.74
C LYS A 576 -4.04 4.95 -22.43
N VAL A 577 -3.32 5.62 -21.52
CA VAL A 577 -2.00 5.20 -21.05
C VAL A 577 -2.11 3.93 -20.22
N LEU A 578 -3.18 3.82 -19.41
CA LEU A 578 -3.41 2.64 -18.58
C LEU A 578 -3.90 1.45 -19.41
N MET A 579 -4.69 1.72 -20.49
CA MET A 579 -5.23 0.70 -21.41
C MET A 579 -4.10 0.06 -22.14
N LYS A 580 -3.16 0.87 -22.64
CA LYS A 580 -1.95 0.39 -23.27
C LYS A 580 -1.17 -0.57 -22.32
N GLN A 581 -1.23 -0.34 -21.01
CA GLN A 581 -0.53 -1.19 -20.04
C GLN A 581 -1.25 -2.52 -19.82
N GLY A 582 -2.59 -2.47 -19.74
CA GLY A 582 -3.42 -3.66 -19.56
C GLY A 582 -3.46 -4.54 -20.79
N GLU A 583 -3.31 -3.93 -21.97
CA GLU A 583 -3.25 -4.62 -23.25
C GLU A 583 -1.97 -5.45 -23.27
N ALA A 584 -0.85 -4.89 -22.78
CA ALA A 584 0.43 -5.57 -22.67
C ALA A 584 0.31 -6.73 -21.69
N LEU A 585 -0.40 -6.53 -20.59
CA LEU A 585 -0.61 -7.59 -19.59
C LEU A 585 -1.43 -8.72 -20.13
N SER A 586 -2.37 -8.43 -21.08
CA SER A 586 -3.14 -9.47 -21.76
C SER A 586 -2.19 -10.36 -22.55
N LYS A 587 -1.35 -9.75 -23.40
CA LYS A 587 -0.41 -10.51 -24.21
C LYS A 587 0.58 -11.27 -23.37
N LEU A 588 1.01 -10.72 -22.24
CA LEU A 588 1.93 -11.42 -21.34
C LEU A 588 1.26 -12.64 -20.73
N LYS A 589 -0.02 -12.54 -20.30
CA LYS A 589 -0.77 -13.68 -19.76
C LYS A 589 -0.88 -14.78 -20.82
N ALA A 590 -1.16 -14.39 -22.06
CA ALA A 590 -1.30 -15.32 -23.16
C ALA A 590 0.05 -15.98 -23.44
N LEU A 591 1.14 -15.20 -23.43
CA LEU A 591 2.48 -15.73 -23.67
C LEU A 591 2.98 -16.62 -22.50
N ASN A 592 2.56 -16.33 -21.26
CA ASN A 592 2.93 -17.15 -20.11
C ASN A 592 2.18 -18.47 -20.14
N ASP A 593 0.92 -18.47 -20.67
CA ASP A 593 0.07 -19.67 -20.86
C ASP A 593 0.68 -20.57 -21.93
N PHE A 594 1.23 -19.99 -23.01
CA PHE A 594 1.90 -20.75 -24.04
C PHE A 594 3.12 -21.46 -23.45
N VAL A 595 3.84 -20.79 -22.53
CA VAL A 595 5.01 -21.32 -21.87
C VAL A 595 4.65 -22.38 -20.82
N LYS A 596 3.62 -22.14 -20.03
CA LYS A 596 3.17 -23.10 -19.01
C LYS A 596 2.85 -24.48 -19.62
N VAL A 597 2.37 -24.49 -20.88
CA VAL A 597 2.01 -25.67 -21.65
C VAL A 597 3.22 -26.27 -22.40
N SER A 598 3.92 -25.45 -23.21
CA SER A 598 5.06 -25.89 -23.99
C SER A 598 6.22 -26.43 -23.15
N SER A 599 6.60 -25.72 -22.08
CA SER A 599 7.71 -26.09 -21.19
C SER A 599 7.68 -27.52 -20.66
N GLN A 600 6.49 -28.13 -20.56
CA GLN A 600 6.38 -29.48 -20.02
C GLN A 600 6.34 -30.61 -21.07
N LYS A 601 6.73 -30.29 -22.30
CA LYS A 601 6.80 -31.25 -23.38
C LYS A 601 8.21 -31.13 -23.94
N THR A 602 8.62 -29.93 -24.31
CA THR A 602 9.93 -29.71 -24.89
C THR A 602 10.95 -29.14 -23.88
N THR A 603 12.25 -29.18 -24.24
CA THR A 603 13.33 -28.70 -23.39
C THR A 603 13.32 -27.16 -23.26
N LYS A 604 13.90 -26.63 -22.16
CA LYS A 604 13.97 -25.18 -21.90
C LYS A 604 14.48 -24.37 -23.11
N PRO A 605 15.56 -24.78 -23.84
CA PRO A 605 16.01 -23.95 -24.97
C PRO A 605 15.07 -23.95 -26.17
N GLN A 606 14.23 -24.99 -26.28
CA GLN A 606 13.29 -25.09 -27.38
C GLN A 606 12.10 -24.20 -27.10
N THR A 607 11.57 -24.26 -25.87
CA THR A 607 10.45 -23.41 -25.42
C THR A 607 10.84 -21.93 -25.54
N LYS A 608 12.12 -21.59 -25.29
CA LYS A 608 12.62 -20.23 -25.41
C LYS A 608 12.45 -19.69 -26.81
N GLU A 609 12.87 -20.45 -27.86
CA GLU A 609 12.66 -19.98 -29.23
C GLU A 609 11.18 -20.07 -29.66
N MET A 610 10.37 -20.93 -29.03
CA MET A 610 8.93 -20.98 -29.28
C MET A 610 8.31 -19.67 -28.77
N MET A 611 8.76 -19.21 -27.58
CA MET A 611 8.32 -17.98 -26.91
C MET A 611 8.80 -16.77 -27.69
N HIS A 612 10.04 -16.81 -28.19
CA HIS A 612 10.64 -15.75 -28.98
C HIS A 612 9.94 -15.56 -30.31
N MET A 613 9.47 -16.65 -30.91
CA MET A 613 8.73 -16.56 -32.18
C MET A 613 7.34 -15.98 -31.93
N CYS A 614 6.71 -16.39 -30.83
CA CYS A 614 5.42 -15.91 -30.42
C CYS A 614 5.49 -14.41 -30.14
N MET A 615 6.56 -13.95 -29.47
CA MET A 615 6.79 -12.55 -29.15
C MET A 615 7.03 -11.70 -30.39
N ARG A 616 7.62 -12.31 -31.44
CA ARG A 616 7.93 -11.63 -32.69
C ARG A 616 6.75 -11.44 -33.63
N GLN A 617 5.55 -11.87 -33.23
CA GLN A 617 4.35 -11.65 -34.01
C GLN A 617 4.02 -10.16 -33.91
N GLU A 618 3.38 -9.59 -34.93
CA GLU A 618 2.99 -8.18 -34.93
C GLU A 618 2.17 -7.80 -33.72
N THR A 619 1.22 -8.64 -33.30
CA THR A 619 0.38 -8.35 -32.11
C THR A 619 1.16 -8.25 -30.83
N TYR A 620 2.20 -9.07 -30.70
CA TYR A 620 3.03 -9.04 -29.53
C TYR A 620 3.96 -7.87 -29.60
N MET A 621 4.66 -7.69 -30.72
CA MET A 621 5.60 -6.58 -30.85
C MET A 621 4.92 -5.22 -30.69
N GLU A 622 3.64 -5.11 -31.08
CA GLU A 622 2.91 -3.84 -30.94
C GLU A 622 2.45 -3.62 -29.52
N ALA A 623 1.89 -4.66 -28.88
CA ALA A 623 1.37 -4.59 -27.52
C ALA A 623 2.42 -4.48 -26.42
N LEU A 624 3.56 -5.15 -26.62
CA LEU A 624 4.63 -5.16 -25.62
C LEU A 624 5.61 -3.99 -25.73
N SER A 625 5.56 -3.20 -26.81
CA SER A 625 6.48 -2.07 -26.97
C SER A 625 5.86 -0.72 -26.62
N HIS A 626 6.69 0.29 -26.33
CA HIS A 626 6.37 1.69 -26.11
C HIS A 626 5.20 1.91 -25.14
N LEU A 627 5.42 1.58 -23.88
CA LEU A 627 4.41 1.78 -22.85
C LEU A 627 5.08 2.24 -21.55
N GLN A 628 4.30 2.75 -20.62
CA GLN A 628 4.81 3.14 -19.32
C GLN A 628 4.84 1.91 -18.45
N SER A 629 5.84 1.81 -17.59
CA SER A 629 5.94 0.66 -16.70
C SER A 629 4.88 0.76 -15.60
N PRO A 630 4.04 -0.29 -15.39
CA PRO A 630 3.09 -0.25 -14.25
C PRO A 630 3.87 -0.19 -12.92
N LEU A 631 5.05 -0.79 -12.84
CA LEU A 631 5.92 -0.75 -11.67
C LEU A 631 6.47 0.65 -11.37
N ASP A 632 6.67 1.48 -12.40
CA ASP A 632 7.17 2.83 -12.26
C ASP A 632 6.69 3.68 -13.42
N PRO A 633 5.78 4.63 -13.20
CA PRO A 633 5.34 5.50 -14.32
C PRO A 633 6.45 6.32 -15.01
N SER A 634 7.59 6.56 -14.34
CA SER A 634 8.77 7.29 -14.89
C SER A 634 9.61 6.43 -15.85
N THR A 635 9.53 5.11 -15.69
CA THR A 635 10.24 4.19 -16.55
C THR A 635 9.39 3.90 -17.79
N LEU A 636 9.95 4.22 -18.93
CA LEU A 636 9.33 3.97 -20.21
C LEU A 636 9.87 2.62 -20.71
N LEU A 637 9.00 1.75 -21.19
CA LEU A 637 9.38 0.44 -21.70
C LEU A 637 9.31 0.58 -23.21
N GLU A 638 10.43 0.93 -23.84
CA GLU A 638 10.41 1.21 -25.27
C GLU A 638 10.50 -0.05 -26.16
N GLU A 639 11.69 -0.55 -26.48
CA GLU A 639 11.82 -1.67 -27.38
C GLU A 639 12.07 -2.94 -26.65
N VAL A 640 11.23 -3.96 -26.89
CA VAL A 640 11.38 -5.30 -26.33
C VAL A 640 12.56 -5.95 -27.01
N CYS A 641 13.53 -6.44 -26.23
CA CYS A 641 14.68 -7.19 -26.74
C CYS A 641 14.33 -8.66 -26.64
N VAL A 642 13.59 -9.18 -27.64
CA VAL A 642 13.10 -10.56 -27.70
C VAL A 642 14.17 -11.59 -27.42
N GLU A 643 15.33 -11.49 -28.07
CA GLU A 643 16.39 -12.47 -27.85
C GLU A 643 16.92 -12.48 -26.40
N GLN A 644 16.71 -11.38 -25.66
CA GLN A 644 17.14 -11.27 -24.27
C GLN A 644 16.14 -11.84 -23.26
N CYS A 645 14.86 -11.96 -23.65
CA CYS A 645 13.78 -12.48 -22.82
C CYS A 645 13.93 -13.97 -22.49
N THR A 646 13.32 -14.43 -21.38
CA THR A 646 13.39 -15.82 -20.91
C THR A 646 12.28 -16.07 -19.86
N PHE A 647 12.37 -17.13 -19.06
CA PHE A 647 11.41 -17.50 -18.04
C PHE A 647 12.11 -18.37 -17.00
N MET A 648 11.63 -18.35 -15.76
CA MET A 648 12.23 -19.18 -14.72
C MET A 648 11.69 -20.59 -14.80
N ASP A 649 12.54 -21.54 -14.42
CA ASP A 649 12.14 -22.94 -14.42
C ASP A 649 11.33 -23.35 -13.19
N SER A 650 10.85 -22.39 -12.39
CA SER A 650 10.03 -22.65 -11.21
C SER A 650 8.59 -23.05 -11.60
N LYS A 651 7.77 -23.41 -10.61
CA LYS A 651 6.40 -23.85 -10.86
C LYS A 651 5.58 -23.01 -11.85
N MET A 652 5.55 -21.69 -11.64
CA MET A 652 4.70 -20.81 -12.44
C MET A 652 5.34 -20.25 -13.70
N LYS A 653 6.59 -20.66 -14.02
CA LYS A 653 7.35 -20.23 -15.21
C LYS A 653 7.29 -18.70 -15.43
N PRO A 654 7.64 -17.85 -14.41
CA PRO A 654 7.54 -16.39 -14.60
C PRO A 654 8.38 -15.86 -15.76
N LEU A 655 7.82 -14.99 -16.61
CA LEU A 655 8.51 -14.43 -17.78
C LEU A 655 9.43 -13.25 -17.46
N TRP A 656 10.66 -13.27 -17.97
CA TRP A 656 11.60 -12.18 -17.78
C TRP A 656 11.67 -11.42 -19.11
N ILE A 657 11.01 -10.25 -19.18
CA ILE A 657 10.93 -9.46 -20.40
C ILE A 657 11.89 -8.31 -20.35
N MET A 658 12.84 -8.27 -21.28
CA MET A 658 13.84 -7.23 -21.33
C MET A 658 13.54 -6.14 -22.33
N TYR A 659 13.85 -4.92 -21.94
CA TYR A 659 13.61 -3.74 -22.75
C TYR A 659 14.86 -2.92 -22.87
N SER A 660 14.95 -2.13 -23.94
CA SER A 660 16.02 -1.17 -24.16
C SER A 660 15.45 0.10 -24.82
N SER A 661 16.19 1.21 -24.72
CA SER A 661 15.81 2.49 -25.30
C SER A 661 17.06 3.16 -25.82
N GLU A 662 16.97 3.76 -27.01
CA GLU A 662 18.11 4.48 -27.58
C GLU A 662 18.21 5.86 -26.92
N GLU A 663 17.05 6.53 -26.68
CA GLU A 663 16.99 7.86 -26.03
C GLU A 663 17.50 7.84 -24.58
N ALA A 664 17.17 6.78 -23.83
CA ALA A 664 17.60 6.65 -22.45
C ALA A 664 19.01 6.05 -22.22
N GLY A 665 19.56 5.36 -23.22
CA GLY A 665 20.86 4.72 -23.08
C GLY A 665 20.87 3.56 -22.08
N SER A 666 21.86 3.54 -21.17
CA SER A 666 22.01 2.53 -20.13
C SER A 666 20.81 2.47 -19.17
N ALA A 667 20.28 3.65 -18.79
CA ALA A 667 19.11 3.69 -17.90
C ALA A 667 17.84 3.19 -18.59
N GLY A 668 17.84 3.11 -19.93
CA GLY A 668 16.71 2.60 -20.69
C GLY A 668 16.68 1.09 -20.75
N ASN A 669 17.78 0.42 -20.38
CA ASN A 669 17.81 -1.03 -20.38
C ASN A 669 17.25 -1.55 -19.08
N VAL A 670 16.00 -2.02 -19.09
CA VAL A 670 15.26 -2.44 -17.90
C VAL A 670 14.55 -3.79 -18.10
N GLY A 671 14.17 -4.47 -17.02
CA GLY A 671 13.44 -5.73 -17.10
C GLY A 671 12.19 -5.74 -16.27
N ILE A 672 11.20 -6.54 -16.67
CA ILE A 672 9.95 -6.74 -15.93
C ILE A 672 9.69 -8.24 -15.87
N ILE A 673 9.25 -8.75 -14.71
CA ILE A 673 8.93 -10.17 -14.53
C ILE A 673 7.43 -10.30 -14.44
N PHE A 674 6.81 -11.02 -15.37
CA PHE A 674 5.39 -11.25 -15.35
C PHE A 674 5.15 -12.57 -14.61
N LYS A 675 4.47 -12.50 -13.48
CA LYS A 675 4.19 -13.68 -12.65
C LYS A 675 2.67 -13.98 -12.62
N ASN A 676 2.29 -15.21 -12.96
CA ASN A 676 0.91 -15.63 -12.97
C ASN A 676 0.76 -17.01 -12.28
N GLY A 677 -0.03 -17.07 -11.23
CA GLY A 677 -0.22 -18.28 -10.46
C GLY A 677 -0.07 -18.02 -8.97
N ASP A 678 0.84 -17.12 -8.59
CA ASP A 678 1.07 -16.80 -7.17
C ASP A 678 0.46 -15.45 -6.79
N ASP A 679 0.12 -15.30 -5.52
CA ASP A 679 -0.47 -14.07 -5.00
C ASP A 679 0.67 -13.11 -4.63
N LEU A 680 0.76 -11.92 -5.29
CA LEU A 680 1.87 -10.98 -5.03
C LEU A 680 1.63 -9.94 -3.93
N ARG A 681 0.49 -9.98 -3.23
CA ARG A 681 0.16 -9.00 -2.21
C ARG A 681 1.09 -8.98 -1.02
N GLN A 682 1.50 -10.17 -0.54
CA GLN A 682 2.38 -10.23 0.63
C GLN A 682 3.80 -9.76 0.33
N ASP A 683 4.30 -10.00 -0.89
CA ASP A 683 5.63 -9.52 -1.27
C ASP A 683 5.59 -8.01 -1.34
N MET A 684 4.54 -7.44 -1.95
CA MET A 684 4.38 -6.02 -2.10
C MET A 684 4.41 -5.34 -0.75
N LEU A 685 3.72 -5.89 0.24
CA LEU A 685 3.71 -5.31 1.58
C LEU A 685 5.07 -5.38 2.25
N THR A 686 5.73 -6.55 2.21
CA THR A 686 7.06 -6.69 2.79
C THR A 686 8.06 -5.74 2.17
N LEU A 687 8.01 -5.58 0.86
CA LEU A 687 8.90 -4.70 0.14
C LEU A 687 8.69 -3.27 0.49
N GLN A 688 7.43 -2.86 0.71
CA GLN A 688 7.09 -1.51 1.13
C GLN A 688 7.54 -1.25 2.54
N MET A 689 7.44 -2.24 3.40
CA MET A 689 7.90 -2.14 4.77
C MET A 689 9.40 -1.97 4.81
N ILE A 690 10.14 -2.73 3.98
CA ILE A 690 11.58 -2.60 3.89
C ILE A 690 11.96 -1.22 3.43
N GLN A 691 11.28 -0.71 2.41
CA GLN A 691 11.55 0.61 1.84
C GLN A 691 11.24 1.72 2.84
N LEU A 692 10.21 1.52 3.68
CA LEU A 692 9.89 2.44 4.75
C LEU A 692 11.07 2.45 5.76
N MET A 693 11.62 1.29 6.14
CA MET A 693 12.78 1.20 7.03
C MET A 693 13.96 1.96 6.46
N ASP A 694 14.19 1.86 5.16
CA ASP A 694 15.25 2.56 4.46
C ASP A 694 15.05 4.08 4.47
N VAL A 695 13.80 4.56 4.36
CA VAL A 695 13.51 5.99 4.40
C VAL A 695 13.79 6.47 5.82
N LEU A 696 13.30 5.76 6.82
CA LEU A 696 13.51 6.07 8.25
C LEU A 696 14.98 6.15 8.58
N TRP A 697 15.78 5.18 8.09
CA TRP A 697 17.22 5.13 8.33
C TRP A 697 17.91 6.27 7.64
N LYS A 698 17.58 6.54 6.38
CA LYS A 698 18.19 7.63 5.63
C LYS A 698 17.89 9.00 6.30
N GLN A 699 16.70 9.15 6.91
CA GLN A 699 16.37 10.38 7.60
C GLN A 699 17.29 10.60 8.81
N GLU A 700 17.87 9.55 9.41
CA GLU A 700 18.83 9.72 10.51
C GLU A 700 20.28 9.64 10.01
N GLY A 701 20.48 9.89 8.72
CA GLY A 701 21.80 9.83 8.12
C GLY A 701 22.39 8.44 7.99
N LEU A 702 21.57 7.38 8.13
CA LEU A 702 22.07 6.02 7.99
C LEU A 702 21.66 5.39 6.64
N ASP A 703 22.53 5.38 5.64
CA ASP A 703 22.21 4.73 4.37
C ASP A 703 22.79 3.30 4.38
N LEU A 704 21.90 2.30 4.47
CA LEU A 704 22.29 0.90 4.49
C LEU A 704 22.25 0.21 3.14
N ARG A 705 22.28 0.99 2.04
CA ARG A 705 22.34 0.48 0.67
C ARG A 705 21.30 -0.63 0.35
N MET A 706 20.04 -0.42 0.68
CA MET A 706 18.96 -1.37 0.46
C MET A 706 18.52 -1.48 -0.99
N THR A 707 17.79 -2.54 -1.39
CA THR A 707 17.33 -2.69 -2.77
C THR A 707 15.84 -2.98 -2.81
N PRO A 708 15.03 -1.97 -2.51
CA PRO A 708 13.58 -2.17 -2.53
C PRO A 708 13.11 -2.04 -3.99
N TYR A 709 13.23 -3.11 -4.77
CA TYR A 709 12.74 -3.18 -6.15
C TYR A 709 11.20 -3.19 -6.12
N GLY A 710 10.57 -2.88 -7.25
CA GLY A 710 9.13 -2.86 -7.39
C GLY A 710 8.50 -4.22 -7.51
N CYS A 711 7.27 -4.30 -7.14
CA CYS A 711 6.46 -5.50 -7.17
C CYS A 711 5.05 -4.98 -7.11
N LEU A 712 4.27 -5.24 -8.16
CA LEU A 712 2.92 -4.75 -8.20
C LEU A 712 1.94 -5.83 -8.62
N PRO A 713 1.00 -6.23 -7.76
CA PRO A 713 -0.09 -7.10 -8.20
C PRO A 713 -1.00 -6.31 -9.15
N THR A 714 -1.40 -6.93 -10.27
CA THR A 714 -2.19 -6.27 -11.31
C THR A 714 -3.55 -6.97 -11.59
N GLY A 715 -3.74 -8.18 -11.07
CA GLY A 715 -4.94 -8.95 -11.32
C GLY A 715 -5.03 -10.19 -10.46
N ASP A 716 -5.87 -11.16 -10.86
CA ASP A 716 -6.05 -12.37 -10.09
C ASP A 716 -4.81 -13.21 -10.15
N ARG A 717 -4.05 -13.31 -9.03
CA ARG A 717 -2.81 -14.11 -8.96
C ARG A 717 -1.85 -13.73 -10.09
N THR A 718 -1.78 -12.43 -10.39
CA THR A 718 -1.02 -11.85 -11.49
C THR A 718 -0.38 -10.52 -11.06
N GLY A 719 0.82 -10.27 -11.54
CA GLY A 719 1.52 -9.03 -11.22
C GLY A 719 2.92 -8.98 -11.77
N LEU A 720 3.55 -7.80 -11.67
CA LEU A 720 4.90 -7.60 -12.19
C LEU A 720 5.93 -7.41 -11.09
N ILE A 721 7.18 -7.68 -11.39
CA ILE A 721 8.28 -7.45 -10.45
C ILE A 721 9.38 -6.77 -11.25
N GLU A 722 10.02 -5.75 -10.69
CA GLU A 722 11.09 -5.05 -11.38
C GLU A 722 12.35 -5.85 -11.31
N VAL A 723 12.97 -6.16 -12.44
CA VAL A 723 14.23 -6.89 -12.43
C VAL A 723 15.38 -5.97 -12.02
N VAL A 724 16.22 -6.45 -11.09
CA VAL A 724 17.42 -5.76 -10.65
C VAL A 724 18.57 -6.40 -11.47
N LEU A 725 19.09 -5.65 -12.45
CA LEU A 725 20.10 -6.17 -13.35
C LEU A 725 21.44 -6.20 -12.70
N HIS A 726 22.35 -7.03 -13.28
CA HIS A 726 23.71 -7.22 -12.80
C HIS A 726 23.67 -7.72 -11.37
N SER A 727 22.88 -8.75 -11.16
CA SER A 727 22.69 -9.37 -9.86
C SER A 727 22.47 -10.87 -10.04
N ASP A 728 22.88 -11.65 -9.06
CA ASP A 728 22.73 -13.10 -9.14
C ASP A 728 22.43 -13.67 -7.79
N THR A 729 21.83 -14.87 -7.73
CA THR A 729 21.53 -15.49 -6.43
C THR A 729 22.81 -16.07 -5.84
N ILE A 730 22.85 -16.18 -4.50
CA ILE A 730 23.99 -16.75 -3.77
C ILE A 730 24.22 -18.18 -4.22
N ALA A 731 23.15 -18.95 -4.43
CA ALA A 731 23.21 -20.31 -4.90
C ALA A 731 23.94 -20.44 -6.22
N ASN A 732 23.76 -19.51 -7.15
CA ASN A 732 24.45 -19.53 -8.45
C ASN A 732 25.90 -19.11 -8.35
N ILE A 733 26.23 -18.17 -7.49
CA ILE A 733 27.63 -17.76 -7.30
C ILE A 733 28.37 -18.90 -6.54
N GLN A 734 27.67 -19.54 -5.60
CA GLN A 734 28.15 -20.65 -4.83
C GLN A 734 28.20 -21.96 -5.60
N LEU A 735 27.73 -22.02 -6.86
CA LEU A 735 27.89 -23.25 -7.67
C LEU A 735 29.38 -23.55 -7.89
N ASN A 736 30.26 -22.49 -7.89
CA ASN A 736 31.71 -22.61 -8.05
C ASN A 736 32.06 -23.40 -9.33
N LYS A 737 31.59 -22.89 -10.48
CA LYS A 737 31.76 -23.52 -11.78
C LYS A 737 33.21 -23.47 -12.30
N SER A 738 33.56 -24.39 -13.19
CA SER A 738 34.90 -24.43 -13.79
C SER A 738 35.08 -23.35 -14.89
N ASN A 739 36.35 -23.09 -15.31
CA ASN A 739 36.81 -22.19 -16.39
C ASN A 739 36.40 -20.71 -16.23
N MET A 740 35.67 -20.35 -15.16
CA MET A 740 35.23 -18.97 -14.97
C MET A 740 36.26 -18.13 -14.15
N ALA A 741 35.92 -16.87 -13.83
CA ALA A 741 36.85 -16.02 -13.09
C ALA A 741 36.93 -16.37 -11.58
N ALA A 742 35.77 -16.39 -10.88
CA ALA A 742 35.62 -16.60 -9.44
C ALA A 742 35.88 -18.06 -8.87
N THR A 743 36.43 -19.04 -9.65
CA THR A 743 36.62 -20.40 -9.10
C THR A 743 37.61 -20.43 -7.89
N ALA A 744 37.16 -21.01 -6.75
CA ALA A 744 37.89 -20.99 -5.49
C ALA A 744 38.32 -22.36 -4.92
N ALA A 745 39.35 -22.34 -4.04
CA ALA A 745 39.89 -23.51 -3.35
C ALA A 745 38.91 -24.01 -2.28
N PHE A 746 38.14 -23.05 -1.66
CA PHE A 746 37.12 -23.27 -0.64
C PHE A 746 35.83 -22.58 -1.08
N ASN A 747 34.68 -23.16 -0.76
CA ASN A 747 33.39 -22.57 -1.11
C ASN A 747 33.16 -21.29 -0.35
N LYS A 748 33.69 -21.15 0.88
CA LYS A 748 33.54 -19.88 1.62
C LYS A 748 34.13 -18.69 0.87
N ASP A 749 35.01 -18.94 -0.12
CA ASP A 749 35.65 -17.90 -0.92
C ASP A 749 34.92 -17.55 -2.20
N ALA A 750 34.05 -18.44 -2.72
CA ALA A 750 33.35 -18.23 -3.99
C ALA A 750 32.72 -16.84 -4.15
N LEU A 751 32.03 -16.37 -3.13
CA LEU A 751 31.33 -15.11 -3.12
C LEU A 751 32.26 -13.90 -3.07
N LEU A 752 33.35 -14.01 -2.32
CA LEU A 752 34.33 -12.93 -2.25
C LEU A 752 35.14 -12.89 -3.57
N ASN A 753 35.36 -14.04 -4.23
CA ASN A 753 36.04 -14.09 -5.52
C ASN A 753 35.17 -13.54 -6.64
N TRP A 754 33.84 -13.62 -6.50
CA TRP A 754 32.92 -13.09 -7.48
C TRP A 754 32.94 -11.59 -7.36
N LEU A 755 32.95 -11.04 -6.13
CA LEU A 755 33.06 -9.62 -5.91
C LEU A 755 34.38 -9.09 -6.44
N LYS A 756 35.46 -9.86 -6.26
CA LYS A 756 36.80 -9.54 -6.74
C LYS A 756 36.83 -9.36 -8.27
N SER A 757 36.13 -10.23 -9.01
CA SER A 757 36.10 -10.16 -10.47
C SER A 757 35.23 -9.04 -11.00
N LYS A 758 34.18 -8.66 -10.27
CA LYS A 758 33.26 -7.61 -10.72
C LYS A 758 33.74 -6.21 -10.31
N ASN A 759 34.64 -6.12 -9.30
CA ASN A 759 35.16 -4.88 -8.72
C ASN A 759 36.66 -5.02 -8.56
N PRO A 760 37.42 -4.77 -9.64
CA PRO A 760 38.88 -4.97 -9.56
C PRO A 760 39.65 -3.88 -8.78
N GLY A 761 40.75 -4.30 -8.16
CA GLY A 761 41.63 -3.46 -7.38
C GLY A 761 40.98 -2.70 -6.24
N GLU A 762 41.02 -1.36 -6.33
CA GLU A 762 40.48 -0.49 -5.30
C GLU A 762 38.96 -0.47 -5.22
N ALA A 763 38.26 -0.95 -6.26
CA ALA A 763 36.79 -0.97 -6.23
C ALA A 763 36.25 -1.98 -5.21
N LEU A 764 37.01 -3.06 -4.93
CA LEU A 764 36.69 -4.13 -4.00
C LEU A 764 36.42 -3.64 -2.57
N ASP A 765 37.18 -2.66 -2.11
CA ASP A 765 37.05 -2.18 -0.74
C ASP A 765 35.72 -1.50 -0.49
N ARG A 766 35.20 -0.78 -1.50
CA ARG A 766 33.88 -0.18 -1.38
C ARG A 766 32.77 -1.21 -1.65
N ALA A 767 33.05 -2.24 -2.48
CA ALA A 767 32.12 -3.33 -2.73
C ALA A 767 31.91 -4.15 -1.44
N ILE A 768 32.94 -4.30 -0.60
CA ILE A 768 32.80 -5.01 0.67
C ILE A 768 31.98 -4.15 1.68
N GLU A 769 32.12 -2.83 1.62
CA GLU A 769 31.39 -1.93 2.47
C GLU A 769 29.92 -1.86 2.03
N GLU A 770 29.63 -1.91 0.70
CA GLU A 770 28.23 -1.96 0.20
C GLU A 770 27.56 -3.25 0.68
N PHE A 771 28.34 -4.35 0.74
CA PHE A 771 27.86 -5.63 1.18
C PHE A 771 27.55 -5.62 2.66
N THR A 772 28.39 -4.98 3.46
CA THR A 772 28.29 -4.95 4.91
C THR A 772 27.08 -4.19 5.34
N LEU A 773 26.88 -3.01 4.77
CA LEU A 773 25.78 -2.14 5.07
C LEU A 773 24.47 -2.81 4.70
N SER A 774 24.31 -3.32 3.46
CA SER A 774 23.11 -4.03 2.99
C SER A 774 22.82 -5.33 3.77
N CYS A 775 23.86 -5.97 4.26
CA CYS A 775 23.77 -7.12 5.13
C CYS A 775 23.12 -6.74 6.48
N ALA A 776 23.68 -5.72 7.15
CA ALA A 776 23.19 -5.20 8.40
C ALA A 776 21.75 -4.78 8.31
N GLY A 777 21.35 -4.21 7.18
CA GLY A 777 20.00 -3.73 6.93
C GLY A 777 19.04 -4.86 6.75
N TYR A 778 19.42 -5.91 5.99
CA TYR A 778 18.52 -7.04 5.78
C TYR A 778 18.47 -7.99 6.95
N CYS A 779 19.50 -8.02 7.79
CA CYS A 779 19.53 -8.81 9.01
C CYS A 779 18.46 -8.26 9.94
N VAL A 780 18.46 -6.94 10.15
CA VAL A 780 17.49 -6.25 10.99
C VAL A 780 16.09 -6.37 10.36
N ALA A 781 15.95 -6.06 9.07
CA ALA A 781 14.63 -6.11 8.42
C ALA A 781 14.00 -7.50 8.50
N THR A 782 14.75 -8.57 8.15
CA THR A 782 14.20 -9.93 8.21
C THR A 782 13.92 -10.36 9.65
N TYR A 783 14.71 -9.91 10.62
CA TYR A 783 14.47 -10.21 12.03
C TYR A 783 13.19 -9.54 12.52
N VAL A 784 13.10 -8.20 12.44
CA VAL A 784 11.93 -7.43 12.85
C VAL A 784 10.65 -7.96 12.17
N LEU A 785 10.71 -8.18 10.85
CA LEU A 785 9.58 -8.66 10.08
C LEU A 785 9.31 -10.16 10.16
N GLY A 786 10.19 -10.94 10.75
CA GLY A 786 9.99 -12.38 10.86
C GLY A 786 10.01 -13.14 9.55
N ILE A 787 10.86 -12.70 8.63
CA ILE A 787 10.95 -13.32 7.32
C ILE A 787 11.75 -14.59 7.47
N GLY A 788 11.08 -15.71 7.29
CA GLY A 788 11.72 -17.01 7.33
C GLY A 788 11.82 -17.61 5.93
N ASP A 789 12.18 -18.90 5.86
CA ASP A 789 12.32 -19.58 4.56
C ASP A 789 13.52 -18.97 3.78
N ARG A 790 14.59 -18.60 4.49
CA ARG A 790 15.77 -18.00 3.88
C ARG A 790 16.81 -19.00 3.47
N HIS A 791 17.03 -19.11 2.18
CA HIS A 791 18.07 -19.98 1.63
C HIS A 791 18.79 -19.28 0.46
N SER A 792 19.90 -19.86 0.00
CA SER A 792 20.77 -19.30 -1.03
C SER A 792 20.07 -18.89 -2.33
N ASP A 793 18.93 -19.51 -2.67
CA ASP A 793 18.24 -19.18 -3.93
C ASP A 793 17.32 -17.93 -3.83
N ASN A 794 17.00 -17.48 -2.60
CA ASN A 794 16.21 -16.25 -2.46
C ASN A 794 17.05 -15.07 -1.87
N ILE A 795 18.38 -15.18 -1.87
CA ILE A 795 19.26 -14.10 -1.47
C ILE A 795 20.08 -13.74 -2.71
N MET A 796 19.94 -12.51 -3.23
CA MET A 796 20.69 -12.08 -4.40
C MET A 796 21.73 -11.05 -4.06
N ILE A 797 22.70 -10.87 -4.94
CA ILE A 797 23.75 -9.88 -4.73
C ILE A 797 24.02 -9.20 -6.02
N ARG A 798 24.19 -7.89 -5.96
CA ARG A 798 24.48 -7.09 -7.11
C ARG A 798 25.97 -6.97 -7.35
N GLU A 799 26.34 -6.76 -8.62
CA GLU A 799 27.74 -6.61 -8.97
C GLU A 799 28.43 -5.45 -8.21
N SER A 800 27.65 -4.54 -7.67
CA SER A 800 28.13 -3.41 -6.89
C SER A 800 28.63 -3.80 -5.47
N GLY A 801 28.15 -4.96 -4.98
CA GLY A 801 28.39 -5.48 -3.63
C GLY A 801 27.11 -5.60 -2.82
N GLN A 802 26.05 -4.89 -3.21
CA GLN A 802 24.78 -4.93 -2.51
C GLN A 802 24.04 -6.28 -2.44
N LEU A 803 23.72 -6.70 -1.25
CA LEU A 803 22.99 -7.92 -1.00
C LEU A 803 21.52 -7.59 -0.80
N PHE A 804 20.61 -8.42 -1.31
CA PHE A 804 19.19 -8.19 -1.11
C PHE A 804 18.42 -9.50 -1.11
N HIS A 805 17.20 -9.47 -0.60
CA HIS A 805 16.37 -10.64 -0.48
C HIS A 805 15.22 -10.61 -1.41
N ILE A 806 14.79 -11.76 -1.89
CA ILE A 806 13.61 -11.90 -2.73
C ILE A 806 12.67 -12.99 -2.13
N ASP A 807 11.47 -13.21 -2.71
CA ASP A 807 10.52 -14.27 -2.34
C ASP A 807 9.97 -14.19 -0.92
N PHE A 808 9.19 -13.12 -0.65
CA PHE A 808 8.59 -12.81 0.64
C PHE A 808 7.20 -13.42 0.88
N GLY A 809 7.14 -14.72 0.71
CA GLY A 809 5.90 -15.45 0.92
C GLY A 809 5.57 -15.67 2.38
N HIS A 810 6.59 -15.71 3.28
CA HIS A 810 6.33 -15.98 4.69
C HIS A 810 6.95 -14.98 5.65
N PHE A 811 6.11 -14.23 6.36
CA PHE A 811 6.60 -13.24 7.32
C PHE A 811 5.83 -13.31 8.66
N LEU A 812 6.21 -12.46 9.64
CA LEU A 812 5.64 -12.39 10.98
C LEU A 812 5.73 -13.73 11.73
N GLY A 813 6.85 -14.41 11.54
CA GLY A 813 7.09 -15.68 12.20
C GLY A 813 6.69 -16.84 11.33
N ASN A 814 5.57 -16.71 10.59
CA ASN A 814 5.05 -17.75 9.68
C ASN A 814 5.96 -17.86 8.45
N ARG A 823 3.59 -21.07 12.68
CA ARG A 823 3.62 -20.09 13.77
C ARG A 823 4.78 -20.31 14.76
N GLU A 824 5.95 -19.72 14.46
CA GLU A 824 7.16 -19.82 15.28
C GLU A 824 7.92 -18.49 15.31
N ARG A 825 8.69 -18.22 16.37
CA ARG A 825 9.47 -16.98 16.47
C ARG A 825 10.80 -17.11 15.70
N VAL A 826 10.95 -16.33 14.60
CA VAL A 826 12.15 -16.34 13.76
C VAL A 826 13.33 -15.73 14.51
N PRO A 827 14.45 -16.48 14.63
CA PRO A 827 15.61 -15.92 15.35
C PRO A 827 16.40 -14.94 14.48
N PHE A 828 17.36 -14.23 15.08
CA PHE A 828 18.25 -13.37 14.32
C PHE A 828 19.21 -14.34 13.57
N ILE A 829 19.40 -14.19 12.25
CA ILE A 829 20.26 -15.09 11.46
C ILE A 829 21.59 -14.43 11.09
N LEU A 830 22.68 -15.21 11.16
CA LEU A 830 24.02 -14.77 10.75
C LEU A 830 24.65 -15.91 9.92
N THR A 831 24.84 -15.72 8.60
CA THR A 831 25.50 -16.74 7.77
C THR A 831 27.01 -16.51 7.81
N TYR A 832 27.81 -17.56 8.00
CA TYR A 832 29.28 -17.41 8.03
C TYR A 832 29.87 -17.10 6.65
N ASP A 833 29.13 -17.43 5.57
CA ASP A 833 29.56 -17.09 4.22
C ASP A 833 29.58 -15.57 4.04
N PHE A 834 28.68 -14.84 4.70
CA PHE A 834 28.65 -13.39 4.64
C PHE A 834 29.66 -12.81 5.61
N VAL A 835 29.77 -13.40 6.83
CA VAL A 835 30.74 -13.01 7.85
C VAL A 835 32.17 -13.06 7.29
N HIS A 836 32.43 -14.03 6.40
CA HIS A 836 33.73 -14.14 5.72
C HIS A 836 33.98 -12.95 4.78
N VAL A 837 32.94 -12.50 4.04
CA VAL A 837 33.04 -11.34 3.15
C VAL A 837 33.19 -10.03 3.98
N ILE A 838 32.45 -9.90 5.08
CA ILE A 838 32.55 -8.74 5.98
C ILE A 838 33.95 -8.64 6.55
N GLN A 839 34.58 -9.78 6.88
CA GLN A 839 35.94 -9.78 7.40
C GLN A 839 37.02 -9.69 6.33
N GLN A 840 36.65 -9.38 5.05
CA GLN A 840 37.54 -9.25 3.89
C GLN A 840 38.34 -10.51 3.63
N GLY A 841 37.73 -11.67 3.85
CA GLY A 841 38.39 -12.95 3.61
C GLY A 841 39.27 -13.47 4.73
N LYS A 842 39.28 -12.77 5.87
CA LYS A 842 40.11 -13.17 7.01
C LYS A 842 39.32 -13.98 8.06
N THR A 843 40.03 -14.75 8.88
CA THR A 843 39.41 -15.58 9.92
C THR A 843 39.03 -14.76 11.14
N ASN A 844 39.88 -13.77 11.47
CA ASN A 844 39.64 -12.90 12.60
C ASN A 844 39.81 -11.46 12.16
N ASN A 845 38.73 -10.68 12.26
CA ASN A 845 38.72 -9.29 11.89
C ASN A 845 37.60 -8.63 12.67
N SER A 846 37.79 -8.53 13.99
CA SER A 846 36.76 -7.94 14.84
C SER A 846 36.60 -6.42 14.64
N GLU A 847 37.54 -5.76 13.95
CA GLU A 847 37.44 -4.35 13.64
C GLU A 847 36.29 -4.17 12.65
N LYS A 848 36.27 -5.02 11.59
CA LYS A 848 35.28 -5.01 10.53
C LYS A 848 34.01 -5.67 11.00
N PHE A 849 34.10 -6.79 11.70
CA PHE A 849 32.92 -7.46 12.23
C PHE A 849 32.14 -6.57 13.20
N GLU A 850 32.84 -5.85 14.07
CA GLU A 850 32.19 -5.02 15.06
C GLU A 850 31.64 -3.76 14.48
N ARG A 851 32.20 -3.24 13.33
CA ARG A 851 31.53 -2.12 12.65
C ARG A 851 30.13 -2.54 12.23
N PHE A 852 30.03 -3.77 11.69
CA PHE A 852 28.82 -4.47 11.23
C PHE A 852 27.83 -4.60 12.37
N ARG A 853 28.27 -5.03 13.56
CA ARG A 853 27.38 -5.13 14.71
C ARG A 853 26.85 -3.73 15.12
N GLY A 854 27.67 -2.70 14.97
CA GLY A 854 27.26 -1.33 15.25
C GLY A 854 26.20 -0.87 14.28
N TYR A 855 26.40 -1.11 12.97
CA TYR A 855 25.42 -0.79 11.92
C TYR A 855 24.09 -1.47 12.21
N CYS A 856 24.10 -2.69 12.76
CA CYS A 856 22.91 -3.44 13.13
C CYS A 856 22.22 -2.79 14.29
N GLU A 857 22.93 -2.59 15.42
CA GLU A 857 22.37 -1.94 16.63
C GLU A 857 21.80 -0.58 16.30
N ARG A 858 22.49 0.16 15.44
CA ARG A 858 22.07 1.48 15.04
C ARG A 858 20.74 1.43 14.29
N ALA A 859 20.61 0.52 13.30
CA ALA A 859 19.43 0.33 12.47
C ALA A 859 18.23 -0.09 13.30
N TYR A 860 18.46 -0.97 14.28
CA TYR A 860 17.42 -1.49 15.15
C TYR A 860 16.80 -0.43 16.06
N THR A 861 17.64 0.38 16.67
CA THR A 861 17.20 1.45 17.55
C THR A 861 16.46 2.57 16.81
N ILE A 862 16.80 2.83 15.52
CA ILE A 862 16.12 3.82 14.70
C ILE A 862 14.71 3.31 14.44
N LEU A 863 14.56 2.04 14.02
CA LEU A 863 13.23 1.46 13.78
C LEU A 863 12.34 1.44 15.02
N ARG A 864 12.89 1.11 16.19
CA ARG A 864 12.10 1.08 17.43
C ARG A 864 11.48 2.46 17.72
N ARG A 865 12.25 3.56 17.54
CA ARG A 865 11.75 4.92 17.73
C ARG A 865 10.52 5.21 16.88
N HIS A 866 10.25 4.39 15.83
CA HIS A 866 9.11 4.55 14.93
C HIS A 866 8.23 3.28 14.91
N GLY A 867 8.24 2.51 15.99
CA GLY A 867 7.50 1.27 16.14
C GLY A 867 6.01 1.43 16.09
N LEU A 868 5.51 2.56 16.59
CA LEU A 868 4.07 2.85 16.53
C LEU A 868 3.62 3.05 15.09
N LEU A 869 4.47 3.65 14.24
CA LEU A 869 4.19 3.86 12.83
C LEU A 869 3.99 2.50 12.16
N PHE A 870 4.86 1.54 12.47
CA PHE A 870 4.78 0.21 11.92
C PHE A 870 3.54 -0.49 12.39
N LEU A 871 3.25 -0.39 13.71
CA LEU A 871 2.04 -1.00 14.31
C LEU A 871 0.75 -0.45 13.72
N HIS A 872 0.66 0.88 13.52
CA HIS A 872 -0.55 1.46 12.94
C HIS A 872 -0.73 1.06 11.51
N LEU A 873 0.37 0.97 10.75
CA LEU A 873 0.31 0.58 9.35
C LEU A 873 -0.06 -0.89 9.21
N PHE A 874 0.47 -1.74 10.07
CA PHE A 874 0.12 -3.15 10.05
C PHE A 874 -1.32 -3.36 10.50
N ALA A 875 -1.81 -2.55 11.43
CA ALA A 875 -3.18 -2.63 11.89
C ALA A 875 -4.14 -2.32 10.74
N LEU A 876 -3.84 -1.29 9.92
CA LEU A 876 -4.69 -0.97 8.77
C LEU A 876 -4.68 -2.08 7.70
N MET A 877 -3.53 -2.75 7.55
CA MET A 877 -3.37 -3.83 6.59
C MET A 877 -4.19 -5.06 6.90
N ARG A 878 -4.73 -5.21 8.13
CA ARG A 878 -5.57 -6.37 8.45
C ARG A 878 -6.79 -6.50 7.53
N ALA A 879 -7.24 -5.36 6.94
CA ALA A 879 -8.38 -5.26 6.01
C ALA A 879 -8.12 -5.96 4.67
N ALA A 880 -6.84 -6.10 4.27
CA ALA A 880 -6.43 -6.69 3.00
C ALA A 880 -6.83 -8.15 2.84
N GLY A 881 -6.90 -8.87 3.95
CA GLY A 881 -7.23 -10.30 3.91
C GLY A 881 -6.04 -11.13 3.47
N LEU A 882 -4.95 -11.07 4.25
CA LEU A 882 -3.75 -11.87 3.99
C LEU A 882 -3.74 -12.93 5.06
N PRO A 883 -3.71 -14.23 4.71
CA PRO A 883 -3.77 -15.28 5.75
C PRO A 883 -2.75 -15.17 6.89
N GLU A 884 -1.58 -14.55 6.65
CA GLU A 884 -0.54 -14.37 7.68
C GLU A 884 -0.58 -12.98 8.37
N LEU A 885 -1.71 -12.26 8.24
CA LEU A 885 -1.95 -10.93 8.82
C LEU A 885 -3.49 -10.68 8.89
N SER A 886 -4.13 -11.16 9.96
CA SER A 886 -5.58 -11.02 10.13
C SER A 886 -6.01 -10.62 11.56
N CYS A 887 -5.33 -11.15 12.58
CA CYS A 887 -5.63 -10.89 13.99
C CYS A 887 -4.47 -10.20 14.73
N SER A 888 -4.68 -9.86 16.03
CA SER A 888 -3.66 -9.26 16.90
C SER A 888 -2.48 -10.22 17.15
N LYS A 889 -2.67 -11.54 16.93
CA LYS A 889 -1.64 -12.56 17.13
C LYS A 889 -0.44 -12.28 16.23
N ASP A 890 -0.68 -11.85 14.98
CA ASP A 890 0.37 -11.53 14.02
C ASP A 890 1.06 -10.21 14.41
N ILE A 891 0.27 -9.19 14.78
CA ILE A 891 0.83 -7.91 15.23
C ILE A 891 1.69 -8.08 16.51
N GLN A 892 1.45 -9.16 17.30
CA GLN A 892 2.24 -9.42 18.49
C GLN A 892 3.68 -9.68 18.11
N TYR A 893 3.92 -10.46 17.03
CA TYR A 893 5.29 -10.72 16.55
C TYR A 893 6.16 -9.42 16.48
N LEU A 894 5.56 -8.33 15.97
CA LEU A 894 6.16 -7.01 15.83
C LEU A 894 6.45 -6.32 17.16
N LYS A 895 5.53 -6.40 18.13
CA LYS A 895 5.77 -5.79 19.44
C LYS A 895 6.91 -6.53 20.14
N ASP A 896 7.00 -7.87 19.94
CA ASP A 896 8.08 -8.68 20.49
C ASP A 896 9.41 -8.33 19.82
N SER A 897 9.45 -8.31 18.46
CA SER A 897 10.67 -8.05 17.69
C SER A 897 11.19 -6.65 17.88
N LEU A 898 10.29 -5.67 18.00
CA LEU A 898 10.70 -4.31 18.27
C LEU A 898 10.87 -4.01 19.77
N ALA A 899 10.48 -4.95 20.68
CA ALA A 899 10.58 -4.84 22.15
C ALA A 899 10.02 -3.50 22.61
N LEU A 900 8.82 -3.18 22.13
CA LEU A 900 8.21 -1.87 22.32
C LEU A 900 7.78 -1.52 23.78
N GLY A 901 7.64 -2.53 24.63
CA GLY A 901 7.28 -2.29 26.02
C GLY A 901 8.47 -2.03 26.95
N LYS A 902 9.71 -2.10 26.40
CA LYS A 902 10.94 -1.93 27.18
C LYS A 902 11.63 -0.59 26.93
N THR A 903 12.54 -0.21 27.83
CA THR A 903 13.32 1.03 27.68
C THR A 903 14.43 0.80 26.65
N GLU A 904 15.02 1.88 26.06
CA GLU A 904 16.08 1.72 25.07
C GLU A 904 17.24 0.82 25.55
N GLU A 905 17.80 1.06 26.74
CA GLU A 905 18.89 0.23 27.26
C GLU A 905 18.46 -1.23 27.50
N GLU A 906 17.17 -1.46 27.79
CA GLU A 906 16.59 -2.79 28.04
C GLU A 906 16.42 -3.58 26.74
N ALA A 907 15.89 -2.91 25.71
CA ALA A 907 15.65 -3.49 24.39
C ALA A 907 16.97 -3.70 23.65
N LEU A 908 17.95 -2.82 23.85
CA LEU A 908 19.26 -2.97 23.22
C LEU A 908 19.97 -4.17 23.86
N LYS A 909 19.85 -4.34 25.19
CA LYS A 909 20.42 -5.45 25.94
C LYS A 909 19.83 -6.76 25.40
N HIS A 910 18.48 -6.78 25.20
CA HIS A 910 17.79 -7.95 24.68
C HIS A 910 18.26 -8.26 23.27
N PHE A 911 18.29 -7.25 22.39
CA PHE A 911 18.75 -7.37 21.00
C PHE A 911 20.18 -7.91 20.95
N ARG A 912 21.06 -7.43 21.84
CA ARG A 912 22.45 -7.88 21.92
C ARG A 912 22.54 -9.38 22.16
N VAL A 913 21.65 -9.92 23.03
CA VAL A 913 21.56 -11.34 23.34
C VAL A 913 21.19 -12.15 22.07
N LYS A 914 20.22 -11.67 21.27
CA LYS A 914 19.81 -12.35 20.05
C LYS A 914 20.94 -12.35 18.99
N PHE A 915 21.70 -11.22 18.89
CA PHE A 915 22.83 -11.10 17.95
C PHE A 915 23.95 -12.05 18.38
N ASN A 916 24.19 -12.18 19.70
CA ASN A 916 25.19 -13.10 20.24
C ASN A 916 24.75 -14.56 20.05
N GLU A 917 23.44 -14.83 20.19
CA GLU A 917 22.84 -16.15 19.98
C GLU A 917 22.94 -16.58 18.49
N ALA A 918 22.88 -15.61 17.58
CA ALA A 918 23.02 -15.83 16.15
C ALA A 918 24.48 -16.12 15.77
N LEU A 919 25.42 -15.54 16.53
CA LEU A 919 26.87 -15.64 16.40
C LEU A 919 27.36 -17.02 16.87
N ARG A 920 26.75 -17.54 17.96
CA ARG A 920 27.02 -18.88 18.48
C ARG A 920 26.57 -19.92 17.45
N GLU A 921 25.40 -19.69 16.82
CA GLU A 921 24.81 -20.49 15.75
C GLU A 921 25.70 -20.43 14.48
N SER A 922 26.32 -19.27 14.22
CA SER A 922 27.23 -19.04 13.10
C SER A 922 28.55 -19.81 13.31
N TRP A 923 29.06 -19.88 14.55
CA TRP A 923 30.29 -20.62 14.84
C TRP A 923 30.14 -22.15 14.67
N LYS A 924 28.90 -22.64 14.74
CA LYS A 924 28.60 -24.06 14.51
C LYS A 924 28.87 -24.50 13.05
N THR A 925 29.10 -23.53 12.14
CA THR A 925 29.40 -23.77 10.73
C THR A 925 30.88 -23.35 10.42
N LYS A 926 31.50 -22.46 11.24
CA LYS A 926 32.91 -22.06 11.09
C LYS A 926 33.80 -23.17 11.59
N VAL A 927 33.47 -23.76 12.76
CA VAL A 927 34.22 -24.86 13.37
C VAL A 927 34.30 -26.09 12.43
N ASN A 928 33.28 -26.26 11.57
CA ASN A 928 33.24 -27.35 10.59
C ASN A 928 34.21 -27.10 9.43
N1 7VT B . 11.25 -16.21 -8.89
C4 7VT B . 12.19 -12.63 -9.23
C5 7VT B . 11.17 -13.48 -8.83
C6 7VT B . 12.58 -16.59 -8.53
C7 7VT B . 12.80 -17.54 -7.55
C8 7VT B . 14.12 -17.85 -7.24
C10 7VT B . 16.14 -15.83 -9.55
C13 7VT B . 14.79 -11.03 -9.43
C15 7VT B . 14.81 -8.47 -8.41
O2 7VT B . 9.43 -14.99 -10.04
S 7VT B . 10.85 -14.93 -9.83
O1 7VT B . 11.72 -14.91 -10.97
C11 7VT B . 13.66 -15.99 -9.15
C9 7VT B . 14.95 -16.38 -8.82
N2 7VT B . 15.17 -17.31 -7.87
C1 7VT B . 10.56 -13.26 -7.58
O 7VT B . 9.66 -14.19 -7.17
C 7VT B . 9.22 -14.14 -5.81
C3 7VT B . 12.59 -11.60 -8.39
C2 7VT B . 11.92 -11.46 -7.18
N 7VT B . 10.91 -12.27 -6.80
C12 7VT B . 13.65 -10.63 -8.80
C16 7VT B . 13.45 -9.16 -8.47
O3 7VT B . 15.59 -8.73 -9.59
C14 7VT B . 15.91 -10.11 -9.74
#